data_6EY2
#
_entry.id   6EY2
#
_cell.length_a   57.230
_cell.length_b   97.060
_cell.length_c   182.600
_cell.angle_alpha   90.00
_cell.angle_beta   90.00
_cell.angle_gamma   90.00
#
_symmetry.space_group_name_H-M   'P 21 21 21'
#
loop_
_entity.id
_entity.type
_entity.pdbx_description
1 polymer 'E3 ubiquitin-protein ligase XIAP'
2 non-polymer 'ZINC ION'
3 non-polymer (3~{S},6~{S},7~{S},9~{a}~{S})-~{N}-[(4-~{tert}-butylphenyl)methyl]-7-(hydroxymethyl)-6-[[(2~{S})-2-(methylamino)butanoyl]amino]-5-oxidanylidene-1,2,3,6,7,8,9,9~{a}-octahydropyrrolo[1,2-a]azepine-3-carboxamide
4 water water
#
_entity_poly.entity_id   1
_entity_poly.type   'polypeptide(L)'
_entity_poly.pdbx_seq_one_letter_code
;HHHHHHSSGLVPRGSHMASMTGGQQMGRGSSDAVSSDRNFPNSTNLPRNPSMADYEARIFTFGTWIYSVNKEQLARAGFY
ALGEGDKVKCFHCGGGLTDWKPSEDPWEQHAKWYPGCKYLLEQKGQEYINNIHLTHSLEECLVRTT
;
_entity_poly.pdbx_strand_id   A,B,C,D,E,F,G,H
#
loop_
_chem_comp.id
_chem_comp.type
_chem_comp.name
_chem_comp.formula
C3T non-polymer (3~{S},6~{S},7~{S},9~{a}~{S})-~{N}-[(4-~{tert}-butylphenyl)methyl]-7-(hydroxymethyl)-6-[[(2~{S})-2-(methylamino)butanoyl]amino]-5-oxidanylidene-1,2,3,6,7,8,9,9~{a}-octahydropyrrolo[1,2-a]azepine-3-carboxamide 'C27 H42 N4 O4'
ZN non-polymer 'ZINC ION' 'Zn 2'
#
# COMPACT_ATOMS: atom_id res chain seq x y z
N THR A 44 -9.80 15.24 -10.92
CA THR A 44 -9.61 13.79 -11.19
C THR A 44 -8.10 13.48 -11.26
N ASN A 45 -7.36 14.13 -12.18
CA ASN A 45 -5.94 13.93 -12.41
C ASN A 45 -5.13 15.11 -11.86
N LEU A 46 -4.93 15.09 -10.54
CA LEU A 46 -4.26 16.16 -9.81
C LEU A 46 -2.77 15.86 -9.72
N PRO A 47 -1.89 16.88 -9.64
CA PRO A 47 -0.46 16.60 -9.56
C PRO A 47 -0.18 15.68 -8.39
N ARG A 48 0.69 14.69 -8.63
CA ARG A 48 1.09 13.76 -7.63
C ARG A 48 1.97 14.46 -6.57
N ASN A 49 2.64 15.56 -6.97
CA ASN A 49 3.52 16.31 -6.09
C ASN A 49 3.32 17.82 -6.34
N PRO A 50 2.21 18.43 -5.89
CA PRO A 50 1.89 19.81 -6.20
C PRO A 50 2.96 20.83 -5.76
N SER A 51 3.84 20.42 -4.84
CA SER A 51 4.92 21.26 -4.37
C SER A 51 5.97 21.52 -5.47
N MET A 52 6.03 20.63 -6.48
CA MET A 52 7.02 20.73 -7.56
C MET A 52 6.38 21.20 -8.88
N ALA A 53 5.19 21.81 -8.78
CA ALA A 53 4.39 22.20 -9.95
C ALA A 53 4.96 23.43 -10.66
N ASP A 54 5.85 24.18 -9.99
CA ASP A 54 6.49 25.38 -10.58
C ASP A 54 7.84 24.98 -11.17
N TYR A 55 8.15 25.58 -12.33
CA TYR A 55 9.41 25.37 -13.02
C TYR A 55 10.59 25.65 -12.06
N GLU A 56 10.48 26.76 -11.31
CA GLU A 56 11.53 27.29 -10.42
C GLU A 56 11.84 26.26 -9.33
N ALA A 57 10.78 25.72 -8.71
CA ALA A 57 10.93 24.65 -7.73
C ALA A 57 11.80 23.53 -8.32
N ARG A 58 11.48 23.17 -9.57
CA ARG A 58 12.07 21.99 -10.20
C ARG A 58 13.55 22.23 -10.50
N ILE A 59 13.87 23.35 -11.17
CA ILE A 59 15.29 23.67 -11.55
C ILE A 59 16.15 23.71 -10.29
N PHE A 60 15.61 24.26 -9.19
CA PHE A 60 16.32 24.38 -7.92
C PHE A 60 16.95 23.03 -7.56
N THR A 61 16.19 21.95 -7.76
CA THR A 61 16.62 20.58 -7.41
C THR A 61 17.88 20.16 -8.19
N PHE A 62 18.17 20.79 -9.33
CA PHE A 62 19.31 20.42 -10.18
C PHE A 62 20.56 21.26 -9.86
N GLY A 63 20.64 21.79 -8.63
CA GLY A 63 21.82 22.45 -8.11
C GLY A 63 23.09 21.68 -8.39
N THR A 64 23.15 20.42 -7.94
CA THR A 64 24.38 19.57 -8.03
C THR A 64 24.34 18.69 -9.29
N TRP A 65 23.91 19.25 -10.43
CA TRP A 65 23.66 18.43 -11.63
C TRP A 65 24.94 18.37 -12.49
N ILE A 66 25.41 17.14 -12.71
CA ILE A 66 26.72 16.86 -13.32
C ILE A 66 26.60 15.87 -14.49
N TYR A 67 25.39 15.75 -15.07
CA TYR A 67 25.11 14.72 -16.07
C TYR A 67 24.82 15.37 -17.43
N SER A 68 24.99 14.58 -18.49
CA SER A 68 24.98 15.05 -19.87
C SER A 68 23.71 15.86 -20.19
N VAL A 69 22.55 15.39 -19.72
CA VAL A 69 21.26 15.87 -20.19
C VAL A 69 20.90 17.20 -19.50
N ASN A 70 20.42 18.14 -20.32
CA ASN A 70 20.25 19.52 -19.91
C ASN A 70 19.19 19.60 -18.81
N LYS A 71 19.56 20.24 -17.70
CA LYS A 71 18.71 20.37 -16.51
C LYS A 71 17.50 21.26 -16.80
N GLU A 72 17.64 22.23 -17.72
CA GLU A 72 16.52 23.13 -18.05
C GLU A 72 15.44 22.36 -18.83
N GLN A 73 15.89 21.42 -19.67
CA GLN A 73 15.00 20.60 -20.49
C GLN A 73 14.24 19.62 -19.60
N LEU A 74 14.97 18.93 -18.71
CA LEU A 74 14.37 18.03 -17.72
C LEU A 74 13.29 18.76 -16.92
N ALA A 75 13.60 19.97 -16.49
CA ALA A 75 12.71 20.70 -15.62
C ALA A 75 11.44 21.12 -16.38
N ARG A 76 11.63 21.51 -17.65
CA ARG A 76 10.52 22.02 -18.46
CA ARG A 76 10.52 22.02 -18.45
C ARG A 76 9.55 20.87 -18.79
N ALA A 77 10.10 19.66 -18.86
CA ALA A 77 9.33 18.43 -19.15
C ALA A 77 8.68 17.86 -17.87
N GLY A 78 8.76 18.59 -16.75
CA GLY A 78 8.02 18.31 -15.54
C GLY A 78 8.84 17.57 -14.49
N PHE A 79 10.11 17.30 -14.79
CA PHE A 79 10.94 16.51 -13.90
C PHE A 79 11.64 17.40 -12.86
N TYR A 80 12.07 16.76 -11.77
CA TYR A 80 12.90 17.31 -10.71
C TYR A 80 13.80 16.20 -10.18
N ALA A 81 15.04 16.55 -9.81
CA ALA A 81 16.05 15.56 -9.40
C ALA A 81 15.80 15.12 -7.96
N LEU A 82 16.25 13.90 -7.66
CA LEU A 82 16.06 13.26 -6.36
C LEU A 82 17.37 13.27 -5.55
N GLY A 83 18.47 13.69 -6.18
CA GLY A 83 19.80 13.65 -5.58
C GLY A 83 20.21 12.24 -5.23
N GLU A 84 19.96 11.29 -6.14
CA GLU A 84 20.30 9.90 -5.96
C GLU A 84 20.76 9.38 -7.33
N GLY A 85 21.82 10.03 -7.84
CA GLY A 85 22.33 9.78 -9.18
C GLY A 85 21.68 10.74 -10.16
N ASP A 86 21.34 10.21 -11.35
CA ASP A 86 20.64 11.00 -12.39
C ASP A 86 19.12 10.76 -12.33
N LYS A 87 18.63 10.07 -11.31
CA LYS A 87 17.20 9.84 -11.08
C LYS A 87 16.44 11.17 -11.06
N VAL A 88 15.34 11.23 -11.82
CA VAL A 88 14.40 12.32 -11.80
C VAL A 88 12.99 11.74 -11.80
N LYS A 89 12.01 12.60 -11.48
CA LYS A 89 10.66 12.22 -11.24
C LYS A 89 9.74 13.32 -11.75
N CYS A 90 8.62 12.94 -12.36
CA CYS A 90 7.67 13.90 -12.87
C CYS A 90 6.77 14.36 -11.72
N PHE A 91 6.63 15.67 -11.58
CA PHE A 91 5.83 16.22 -10.50
C PHE A 91 4.35 15.84 -10.66
N HIS A 92 3.91 15.60 -11.89
CA HIS A 92 2.50 15.39 -12.16
C HIS A 92 2.14 13.90 -12.16
N CYS A 93 2.84 13.09 -12.93
CA CYS A 93 2.51 11.65 -13.07
C CYS A 93 3.27 10.83 -12.03
N GLY A 94 4.31 11.42 -11.42
CA GLY A 94 5.18 10.70 -10.49
C GLY A 94 6.13 9.69 -11.16
N GLY A 95 6.22 9.72 -12.49
CA GLY A 95 7.08 8.81 -13.20
C GLY A 95 8.55 9.08 -12.96
N GLY A 96 9.33 8.03 -12.73
CA GLY A 96 10.75 8.15 -12.45
C GLY A 96 11.62 7.54 -13.56
N LEU A 97 12.71 8.24 -13.89
CA LEU A 97 13.60 7.95 -15.02
C LEU A 97 15.07 8.07 -14.56
N THR A 98 15.93 7.21 -15.14
CA THR A 98 17.35 7.09 -14.83
C THR A 98 18.13 6.68 -16.07
N ASP A 99 19.47 6.70 -15.96
CA ASP A 99 20.42 6.22 -16.98
C ASP A 99 20.24 7.01 -18.28
N TRP A 100 20.21 8.34 -18.17
CA TRP A 100 20.09 9.21 -19.34
C TRP A 100 21.34 9.08 -20.22
N LYS A 101 21.15 9.17 -21.54
CA LYS A 101 22.25 9.31 -22.52
C LYS A 101 22.28 10.75 -22.98
N PRO A 102 23.39 11.25 -23.57
CA PRO A 102 23.52 12.65 -23.93
C PRO A 102 22.50 13.18 -24.97
N SER A 103 22.16 12.36 -25.95
CA SER A 103 21.26 12.73 -27.06
C SER A 103 19.80 12.90 -26.58
N GLU A 104 19.41 12.18 -25.52
CA GLU A 104 18.01 11.79 -25.27
C GLU A 104 17.18 12.99 -24.83
N ASP A 105 15.93 13.04 -25.31
CA ASP A 105 15.03 14.18 -25.10
C ASP A 105 14.12 13.86 -23.92
N PRO A 106 14.09 14.71 -22.87
CA PRO A 106 13.20 14.52 -21.73
C PRO A 106 11.74 14.30 -22.14
N TRP A 107 11.25 15.16 -23.00
CA TRP A 107 9.88 15.10 -23.45
C TRP A 107 9.61 13.75 -24.12
N GLU A 108 10.53 13.29 -24.95
CA GLU A 108 10.33 12.05 -25.67
C GLU A 108 10.28 10.90 -24.66
N GLN A 109 11.22 10.89 -23.72
CA GLN A 109 11.30 9.82 -22.74
C GLN A 109 10.06 9.87 -21.84
N HIS A 110 9.58 11.07 -21.50
CA HIS A 110 8.40 11.22 -20.71
C HIS A 110 7.24 10.49 -21.38
N ALA A 111 7.05 10.77 -22.68
CA ALA A 111 6.00 10.15 -23.47
C ALA A 111 6.24 8.64 -23.64
N LYS A 112 7.51 8.24 -23.85
CA LYS A 112 7.80 6.85 -24.14
C LYS A 112 7.39 5.97 -22.96
N TRP A 113 7.65 6.44 -21.73
CA TRP A 113 7.58 5.60 -20.52
C TRP A 113 6.33 5.89 -19.67
N TYR A 114 5.84 7.14 -19.73
CA TYR A 114 4.75 7.57 -18.91
C TYR A 114 3.74 8.38 -19.72
N PRO A 115 3.15 7.80 -20.77
CA PRO A 115 2.27 8.54 -21.67
C PRO A 115 0.96 9.00 -21.06
N GLY A 116 0.69 8.51 -19.85
CA GLY A 116 -0.55 8.82 -19.14
C GLY A 116 -0.58 10.20 -18.51
N CYS A 117 0.59 10.83 -18.35
CA CYS A 117 0.71 12.11 -17.63
C CYS A 117 -0.19 13.21 -18.21
N LYS A 118 -0.93 13.91 -17.36
CA LYS A 118 -1.79 15.03 -17.77
C LYS A 118 -0.95 16.26 -18.13
N TYR A 119 0.15 16.47 -17.45
CA TYR A 119 1.02 17.58 -17.73
C TYR A 119 1.55 17.42 -19.15
N LEU A 120 2.10 16.25 -19.44
CA LEU A 120 2.57 15.88 -20.77
C LEU A 120 1.49 16.17 -21.81
N LEU A 121 0.25 15.76 -21.54
CA LEU A 121 -0.84 15.92 -22.49
C LEU A 121 -1.15 17.42 -22.69
N GLU A 122 -1.16 18.20 -21.61
CA GLU A 122 -1.45 19.62 -21.73
C GLU A 122 -0.33 20.32 -22.50
N GLN A 123 0.92 19.86 -22.31
CA GLN A 123 2.08 20.52 -22.85
C GLN A 123 2.33 20.13 -24.31
N LYS A 124 2.13 18.86 -24.68
CA LYS A 124 2.59 18.34 -25.98
C LYS A 124 1.45 17.82 -26.85
N GLY A 125 0.32 17.45 -26.25
CA GLY A 125 -0.88 17.01 -26.96
C GLY A 125 -0.89 15.53 -27.24
N GLN A 126 -2.09 15.04 -27.60
CA GLN A 126 -2.39 13.64 -27.86
C GLN A 126 -1.44 13.08 -28.92
N GLU A 127 -1.32 13.85 -30.00
CA GLU A 127 -0.71 13.45 -31.25
C GLU A 127 0.77 13.17 -30.98
N TYR A 128 1.41 14.06 -30.22
CA TYR A 128 2.80 13.92 -29.86
C TYR A 128 3.03 12.61 -29.13
N ILE A 129 2.17 12.32 -28.15
CA ILE A 129 2.37 11.15 -27.33
C ILE A 129 2.14 9.90 -28.18
N ASN A 130 0.98 9.84 -28.84
CA ASN A 130 0.60 8.71 -29.65
C ASN A 130 1.64 8.52 -30.76
N ASN A 131 2.22 9.61 -31.26
CA ASN A 131 3.21 9.52 -32.32
C ASN A 131 4.40 8.72 -31.81
N ILE A 132 4.87 9.01 -30.59
CA ILE A 132 6.02 8.34 -30.05
C ILE A 132 5.74 6.82 -30.00
N HIS A 133 4.49 6.46 -29.63
CA HIS A 133 4.16 5.05 -29.44
C HIS A 133 3.96 4.34 -30.79
N LEU A 134 3.34 5.02 -31.76
CA LEU A 134 3.14 4.43 -33.07
C LEU A 134 4.49 4.24 -33.75
N THR A 135 5.42 5.18 -33.56
CA THR A 135 6.74 5.06 -34.10
C THR A 135 7.32 3.69 -33.74
N HIS A 136 7.28 3.33 -32.45
CA HIS A 136 7.80 2.03 -31.97
C HIS A 136 7.11 0.86 -32.68
N SER A 137 5.79 0.90 -32.78
CA SER A 137 4.97 -0.15 -33.42
C SER A 137 5.37 -0.37 -34.88
N LEU A 138 5.71 0.71 -35.60
CA LEU A 138 6.13 0.62 -37.00
C LEU A 138 7.50 -0.04 -37.11
N GLU A 139 8.40 0.29 -36.17
CA GLU A 139 9.73 -0.29 -36.06
C GLU A 139 9.61 -1.82 -35.93
N GLU A 140 8.75 -2.29 -35.00
CA GLU A 140 8.55 -3.72 -34.77
C GLU A 140 7.91 -4.37 -36.00
N CYS A 141 6.98 -3.67 -36.65
CA CYS A 141 6.29 -4.16 -37.85
C CYS A 141 7.29 -4.40 -39.00
N LEU A 142 8.08 -3.38 -39.36
CA LEU A 142 9.05 -3.48 -40.46
C LEU A 142 10.44 -3.81 -39.89
N THR B 44 -5.45 22.44 -26.21
CA THR B 44 -6.52 22.36 -27.28
C THR B 44 -6.50 20.93 -27.86
N ASN B 45 -6.93 19.99 -27.02
CA ASN B 45 -7.23 18.58 -27.38
C ASN B 45 -8.75 18.39 -27.49
N LEU B 46 -9.29 18.78 -28.65
CA LEU B 46 -10.71 18.71 -28.93
C LEU B 46 -11.02 17.38 -29.61
N PRO B 47 -12.25 16.83 -29.44
CA PRO B 47 -12.56 15.54 -30.05
C PRO B 47 -12.29 15.59 -31.56
N ARG B 48 -11.66 14.53 -32.05
CA ARG B 48 -11.34 14.38 -33.44
C ARG B 48 -12.63 14.13 -34.25
N ASN B 49 -13.69 13.65 -33.60
CA ASN B 49 -14.99 13.39 -34.24
C ASN B 49 -16.11 13.79 -33.27
N PRO B 50 -16.36 15.10 -33.08
CA PRO B 50 -17.30 15.57 -32.06
C PRO B 50 -18.73 15.02 -32.18
N SER B 51 -19.06 14.54 -33.38
CA SER B 51 -20.37 13.96 -33.67
C SER B 51 -20.58 12.64 -32.89
N MET B 52 -19.50 11.96 -32.51
CA MET B 52 -19.56 10.66 -31.86
C MET B 52 -19.24 10.76 -30.35
N ALA B 53 -19.35 11.98 -29.80
CA ALA B 53 -18.98 12.27 -28.41
C ALA B 53 -20.00 11.71 -27.41
N ASP B 54 -21.21 11.38 -27.88
CA ASP B 54 -22.26 10.81 -27.04
C ASP B 54 -22.22 9.28 -27.13
N TYR B 55 -22.46 8.63 -25.98
CA TYR B 55 -22.51 7.18 -25.88
C TYR B 55 -23.52 6.62 -26.89
N GLU B 56 -24.70 7.26 -26.97
CA GLU B 56 -25.85 6.84 -27.79
C GLU B 56 -25.44 6.79 -29.27
N ALA B 57 -24.79 7.88 -29.74
CA ALA B 57 -24.26 7.93 -31.09
C ALA B 57 -23.41 6.68 -31.35
N ARG B 58 -22.55 6.34 -30.38
CA ARG B 58 -21.53 5.32 -30.57
C ARG B 58 -22.19 3.93 -30.63
N ILE B 59 -23.04 3.61 -29.65
CA ILE B 59 -23.72 2.28 -29.59
C ILE B 59 -24.50 2.05 -30.89
N PHE B 60 -25.15 3.11 -31.39
CA PHE B 60 -25.97 3.03 -32.61
C PHE B 60 -25.16 2.34 -33.71
N THR B 61 -23.88 2.70 -33.83
CA THR B 61 -22.99 2.17 -34.90
C THR B 61 -22.84 0.65 -34.81
N PHE B 62 -23.08 0.06 -33.63
CA PHE B 62 -22.88 -1.37 -33.40
C PHE B 62 -24.18 -2.17 -33.56
N GLY B 63 -25.12 -1.64 -34.36
CA GLY B 63 -26.38 -2.34 -34.64
C GLY B 63 -26.12 -3.75 -35.17
N THR B 64 -25.27 -3.82 -36.21
CA THR B 64 -24.91 -5.01 -36.96
C THR B 64 -23.66 -5.70 -36.37
N TRP B 65 -23.53 -5.73 -35.04
CA TRP B 65 -22.28 -6.17 -34.41
C TRP B 65 -22.35 -7.68 -34.13
N ILE B 66 -21.39 -8.41 -34.71
CA ILE B 66 -21.41 -9.89 -34.74
C ILE B 66 -20.08 -10.46 -34.23
N TYR B 67 -19.33 -9.68 -33.45
CA TYR B 67 -17.98 -10.05 -33.02
C TYR B 67 -17.95 -10.24 -31.51
N SER B 68 -16.94 -11.01 -31.06
CA SER B 68 -16.84 -11.49 -29.69
C SER B 68 -16.95 -10.37 -28.67
N VAL B 69 -16.29 -9.23 -28.93
CA VAL B 69 -16.09 -8.20 -27.90
C VAL B 69 -17.35 -7.34 -27.73
N ASN B 70 -17.69 -7.10 -26.46
CA ASN B 70 -18.95 -6.49 -26.08
C ASN B 70 -19.02 -5.06 -26.63
N LYS B 71 -20.09 -4.79 -27.37
CA LYS B 71 -20.35 -3.51 -28.03
C LYS B 71 -20.58 -2.39 -27.01
N GLU B 72 -21.13 -2.72 -25.83
CA GLU B 72 -21.39 -1.68 -24.80
C GLU B 72 -20.06 -1.23 -24.19
N GLN B 73 -19.11 -2.16 -24.07
CA GLN B 73 -17.79 -1.89 -23.51
C GLN B 73 -16.99 -1.04 -24.50
N LEU B 74 -16.98 -1.44 -25.78
CA LEU B 74 -16.34 -0.67 -26.86
C LEU B 74 -16.85 0.77 -26.85
N ALA B 75 -18.17 0.94 -26.72
CA ALA B 75 -18.78 2.22 -26.84
C ALA B 75 -18.41 3.09 -25.63
N ARG B 76 -18.37 2.47 -24.45
CA ARG B 76 -18.11 3.21 -23.21
C ARG B 76 -16.65 3.68 -23.21
N ALA B 77 -15.78 2.94 -23.87
CA ALA B 77 -14.34 3.24 -23.98
C ALA B 77 -14.05 4.22 -25.11
N GLY B 78 -15.11 4.77 -25.72
CA GLY B 78 -15.03 5.90 -26.65
C GLY B 78 -15.04 5.47 -28.11
N PHE B 79 -15.16 4.17 -28.37
CA PHE B 79 -15.09 3.65 -29.73
C PHE B 79 -16.48 3.64 -30.39
N TYR B 80 -16.46 3.60 -31.72
CA TYR B 80 -17.63 3.43 -32.58
C TYR B 80 -17.17 2.64 -33.81
N ALA B 81 -18.06 1.78 -34.34
CA ALA B 81 -17.74 0.88 -35.44
C ALA B 81 -17.76 1.64 -36.76
N LEU B 82 -16.97 1.14 -37.73
CA LEU B 82 -16.81 1.75 -39.03
C LEU B 82 -17.58 0.97 -40.10
N GLY B 83 -18.14 -0.19 -39.73
CA GLY B 83 -18.77 -1.12 -40.65
C GLY B 83 -17.80 -1.61 -41.71
N GLU B 84 -16.58 -1.95 -41.28
CA GLU B 84 -15.50 -2.38 -42.16
C GLU B 84 -14.77 -3.52 -41.46
N GLY B 85 -15.54 -4.55 -41.07
CA GLY B 85 -15.07 -5.65 -40.23
C GLY B 85 -15.32 -5.32 -38.78
N ASP B 86 -14.34 -5.65 -37.92
CA ASP B 86 -14.41 -5.32 -36.47
C ASP B 86 -13.66 -4.01 -36.16
N LYS B 87 -13.24 -3.27 -37.20
CA LYS B 87 -12.60 -1.97 -37.06
C LYS B 87 -13.48 -1.02 -36.21
N VAL B 88 -12.85 -0.41 -35.21
CA VAL B 88 -13.45 0.66 -34.43
C VAL B 88 -12.44 1.78 -34.28
N LYS B 89 -12.94 2.94 -33.86
CA LYS B 89 -12.20 4.18 -33.86
C LYS B 89 -12.65 4.99 -32.65
N CYS B 90 -11.70 5.64 -31.98
CA CYS B 90 -12.01 6.44 -30.81
C CYS B 90 -12.48 7.82 -31.32
N PHE B 91 -13.62 8.27 -30.79
CA PHE B 91 -14.17 9.54 -31.20
C PHE B 91 -13.24 10.69 -30.82
N HIS B 92 -12.43 10.52 -29.77
CA HIS B 92 -11.66 11.62 -29.24
C HIS B 92 -10.24 11.63 -29.83
N CYS B 93 -9.52 10.51 -29.75
CA CYS B 93 -8.12 10.46 -30.19
C CYS B 93 -8.04 10.07 -31.67
N GLY B 94 -9.13 9.52 -32.20
CA GLY B 94 -9.16 8.98 -33.57
C GLY B 94 -8.40 7.67 -33.73
N GLY B 95 -7.98 7.05 -32.63
CA GLY B 95 -7.23 5.81 -32.70
C GLY B 95 -8.10 4.67 -33.21
N GLY B 96 -7.55 3.86 -34.12
CA GLY B 96 -8.30 2.77 -34.71
C GLY B 96 -7.69 1.42 -34.37
N LEU B 97 -8.59 0.45 -34.13
CA LEU B 97 -8.25 -0.88 -33.55
C LEU B 97 -9.00 -1.98 -34.33
N THR B 98 -8.34 -3.13 -34.55
CA THR B 98 -8.92 -4.26 -35.30
C THR B 98 -8.41 -5.59 -34.72
N ASP B 99 -8.98 -6.70 -35.20
CA ASP B 99 -8.56 -8.07 -34.86
C ASP B 99 -8.70 -8.30 -33.34
N TRP B 100 -9.86 -7.95 -32.79
CA TRP B 100 -10.16 -8.18 -31.39
C TRP B 100 -10.20 -9.67 -31.09
N LYS B 101 -9.77 -10.06 -29.88
CA LYS B 101 -9.97 -11.39 -29.33
C LYS B 101 -11.10 -11.31 -28.32
N PRO B 102 -11.73 -12.45 -27.93
CA PRO B 102 -12.88 -12.41 -27.00
C PRO B 102 -12.58 -11.87 -25.58
N SER B 103 -11.40 -12.19 -25.05
CA SER B 103 -11.00 -11.80 -23.69
C SER B 103 -10.75 -10.29 -23.55
N GLU B 104 -10.37 -9.62 -24.66
CA GLU B 104 -9.63 -8.36 -24.64
C GLU B 104 -10.53 -7.21 -24.18
N ASP B 105 -9.96 -6.31 -23.35
CA ASP B 105 -10.69 -5.21 -22.75
C ASP B 105 -10.49 -3.96 -23.60
N PRO B 106 -11.58 -3.32 -24.07
CA PRO B 106 -11.49 -2.08 -24.84
C PRO B 106 -10.61 -1.01 -24.16
N TRP B 107 -10.87 -0.78 -22.87
CA TRP B 107 -10.17 0.20 -22.11
C TRP B 107 -8.67 -0.11 -22.12
N GLU B 108 -8.32 -1.37 -21.91
CA GLU B 108 -6.93 -1.77 -21.84
C GLU B 108 -6.27 -1.50 -23.19
N GLN B 109 -6.93 -1.93 -24.26
CA GLN B 109 -6.37 -1.78 -25.60
C GLN B 109 -6.26 -0.29 -25.96
N HIS B 110 -7.24 0.51 -25.53
CA HIS B 110 -7.20 1.92 -25.76
C HIS B 110 -5.91 2.51 -25.18
N ALA B 111 -5.63 2.17 -23.93
CA ALA B 111 -4.46 2.62 -23.21
C ALA B 111 -3.18 2.04 -23.83
N LYS B 112 -3.22 0.76 -24.23
CA LYS B 112 -2.03 0.10 -24.71
C LYS B 112 -1.51 0.80 -25.97
N TRP B 113 -2.43 1.21 -26.86
CA TRP B 113 -2.07 1.63 -28.22
C TRP B 113 -2.15 3.16 -28.40
N TYR B 114 -3.02 3.81 -27.65
CA TYR B 114 -3.31 5.20 -27.81
C TYR B 114 -3.39 5.89 -26.44
N PRO B 115 -2.31 5.84 -25.64
CA PRO B 115 -2.35 6.37 -24.27
C PRO B 115 -2.51 7.88 -24.17
N GLY B 116 -2.38 8.55 -25.32
CA GLY B 116 -2.45 9.98 -25.42
C GLY B 116 -3.85 10.55 -25.32
N CYS B 117 -4.87 9.73 -25.56
CA CYS B 117 -6.28 10.17 -25.60
C CYS B 117 -6.70 10.92 -24.32
N LYS B 118 -7.33 12.09 -24.50
CA LYS B 118 -7.82 12.90 -23.39
C LYS B 118 -9.06 12.26 -22.77
N TYR B 119 -9.90 11.62 -23.60
CA TYR B 119 -11.08 10.98 -23.10
C TYR B 119 -10.65 9.86 -22.13
N LEU B 120 -9.75 9.01 -22.60
CA LEU B 120 -9.15 7.94 -21.80
C LEU B 120 -8.63 8.50 -20.46
N LEU B 121 -7.92 9.62 -20.51
CA LEU B 121 -7.33 10.20 -19.32
C LEU B 121 -8.42 10.71 -18.36
N GLU B 122 -9.46 11.34 -18.89
CA GLU B 122 -10.55 11.84 -18.05
C GLU B 122 -11.30 10.65 -17.43
N GLN B 123 -11.42 9.54 -18.17
CA GLN B 123 -12.24 8.43 -17.76
C GLN B 123 -11.49 7.50 -16.80
N LYS B 124 -10.19 7.26 -17.02
CA LYS B 124 -9.48 6.18 -16.32
C LYS B 124 -8.31 6.70 -15.47
N GLY B 125 -7.80 7.89 -15.79
CA GLY B 125 -6.73 8.53 -15.03
C GLY B 125 -5.34 8.09 -15.44
N GLN B 126 -4.37 8.88 -14.99
CA GLN B 126 -2.96 8.72 -15.37
C GLN B 126 -2.46 7.31 -15.03
N GLU B 127 -2.81 6.90 -13.81
CA GLU B 127 -2.28 5.76 -13.11
C GLU B 127 -2.65 4.50 -13.89
N TYR B 128 -3.92 4.46 -14.32
CA TYR B 128 -4.43 3.35 -15.11
C TYR B 128 -3.60 3.20 -16.38
N ILE B 129 -3.38 4.32 -17.08
CA ILE B 129 -2.72 4.25 -18.37
C ILE B 129 -1.26 3.83 -18.15
N ASN B 130 -0.57 4.56 -17.27
CA ASN B 130 0.83 4.33 -17.01
C ASN B 130 1.02 2.90 -16.48
N ASN B 131 0.02 2.40 -15.74
CA ASN B 131 0.14 1.04 -15.19
C ASN B 131 0.25 0.06 -16.35
N ILE B 132 -0.62 0.23 -17.37
CA ILE B 132 -0.62 -0.67 -18.49
C ILE B 132 0.74 -0.63 -19.19
N HIS B 133 1.35 0.54 -19.27
CA HIS B 133 2.62 0.70 -19.98
C HIS B 133 3.79 0.12 -19.18
N LEU B 134 3.78 0.33 -17.85
CA LEU B 134 4.83 -0.18 -17.04
C LEU B 134 4.80 -1.69 -17.01
N THR B 135 3.64 -2.32 -17.15
CA THR B 135 3.55 -3.75 -17.30
C THR B 135 4.67 -4.29 -18.19
N HIS B 136 4.81 -3.75 -19.41
CA HIS B 136 5.85 -4.17 -20.37
C HIS B 136 7.28 -4.08 -19.75
N SER B 137 7.55 -2.92 -19.15
CA SER B 137 8.85 -2.58 -18.53
C SER B 137 9.21 -3.55 -17.41
N LEU B 138 8.20 -3.98 -16.64
CA LEU B 138 8.39 -4.93 -15.52
C LEU B 138 8.77 -6.31 -16.06
N GLU B 139 8.14 -6.71 -17.18
CA GLU B 139 8.53 -7.90 -17.93
C GLU B 139 10.03 -7.81 -18.31
N GLU B 140 10.74 -8.93 -18.18
CA GLU B 140 12.20 -9.01 -18.38
C GLU B 140 12.92 -8.13 -17.35
N CYS B 141 12.34 -8.05 -16.15
CA CYS B 141 12.91 -7.44 -14.92
C CYS B 141 12.25 -8.07 -13.69
N THR C 44 -10.02 -3.57 9.62
CA THR C 44 -10.39 -2.87 8.34
C THR C 44 -11.79 -2.28 8.60
N ASN C 45 -12.29 -1.43 7.68
CA ASN C 45 -13.71 -1.09 7.59
C ASN C 45 -13.98 -0.03 8.66
N LEU C 46 -13.61 -0.36 9.92
CA LEU C 46 -13.71 0.55 11.01
C LEU C 46 -12.46 1.44 11.14
N PRO C 47 -12.69 2.76 11.11
CA PRO C 47 -11.63 3.71 11.41
C PRO C 47 -10.98 3.36 12.77
N ARG C 48 -9.66 3.43 12.79
CA ARG C 48 -8.87 3.18 13.98
C ARG C 48 -9.07 4.34 14.99
N ASN C 49 -9.49 5.51 14.50
CA ASN C 49 -9.76 6.69 15.35
C ASN C 49 -11.00 7.41 14.81
N PRO C 50 -12.22 6.87 15.05
CA PRO C 50 -13.44 7.41 14.44
C PRO C 50 -13.72 8.88 14.76
N SER C 51 -13.10 9.37 15.84
CA SER C 51 -13.25 10.75 16.27
C SER C 51 -12.61 11.73 15.27
N MET C 52 -11.65 11.25 14.46
CA MET C 52 -10.92 12.10 13.52
C MET C 52 -11.36 11.84 12.06
N ALA C 53 -12.55 11.26 11.89
CA ALA C 53 -13.06 10.86 10.58
C ALA C 53 -13.53 12.07 9.75
N ASP C 54 -13.75 13.21 10.40
CA ASP C 54 -14.17 14.45 9.72
C ASP C 54 -12.94 15.31 9.40
N TYR C 55 -12.97 15.94 8.21
CA TYR C 55 -11.91 16.82 7.75
C TYR C 55 -11.65 17.92 8.80
N GLU C 56 -12.75 18.49 9.33
CA GLU C 56 -12.73 19.65 10.24
C GLU C 56 -12.01 19.26 11.53
N ALA C 57 -12.34 18.09 12.08
CA ALA C 57 -11.63 17.56 13.25
C ALA C 57 -10.12 17.57 12.97
N ARG C 58 -9.73 17.12 11.77
CA ARG C 58 -8.34 16.87 11.46
C ARG C 58 -7.60 18.21 11.32
N ILE C 59 -8.13 19.15 10.52
CA ILE C 59 -7.47 20.48 10.31
C ILE C 59 -7.27 21.17 11.65
N PHE C 60 -8.27 21.07 12.54
CA PHE C 60 -8.22 21.70 13.86
C PHE C 60 -6.87 21.38 14.54
N THR C 61 -6.43 20.12 14.43
CA THR C 61 -5.19 19.65 15.06
C THR C 61 -3.95 20.40 14.56
N PHE C 62 -4.02 21.01 13.37
CA PHE C 62 -2.87 21.69 12.75
C PHE C 62 -2.88 23.19 13.06
N GLY C 63 -3.51 23.60 14.17
CA GLY C 63 -3.51 24.99 14.60
C GLY C 63 -2.11 25.59 14.61
N THR C 64 -1.19 24.94 15.33
CA THR C 64 0.20 25.44 15.54
C THR C 64 1.15 24.78 14.52
N TRP C 65 0.73 24.74 13.24
CA TRP C 65 1.50 24.02 12.22
C TRP C 65 2.50 24.97 11.54
N ILE C 66 3.78 24.61 11.65
CA ILE C 66 4.92 25.47 11.30
C ILE C 66 5.90 24.73 10.38
N TYR C 67 5.42 23.70 9.68
CA TYR C 67 6.28 22.81 8.89
C TYR C 67 5.94 22.95 7.40
N SER C 68 6.91 22.58 6.56
CA SER C 68 6.88 22.83 5.13
C SER C 68 5.57 22.34 4.49
N VAL C 69 5.12 21.13 4.87
CA VAL C 69 4.07 20.43 4.14
C VAL C 69 2.68 20.99 4.50
N ASN C 70 1.86 21.21 3.48
CA ASN C 70 0.59 21.90 3.60
C ASN C 70 -0.36 21.09 4.50
N LYS C 71 -0.88 21.78 5.53
CA LYS C 71 -1.77 21.20 6.54
C LYS C 71 -3.11 20.79 5.92
N GLU C 72 -3.57 21.47 4.86
CA GLU C 72 -4.86 21.13 4.23
C GLU C 72 -4.71 19.81 3.46
N GLN C 73 -3.52 19.60 2.87
CA GLN C 73 -3.23 18.39 2.10
C GLN C 73 -3.11 17.20 3.05
N LEU C 74 -2.36 17.36 4.15
CA LEU C 74 -2.24 16.35 5.19
C LEU C 74 -3.63 15.92 5.66
N ALA C 75 -4.50 16.90 5.92
CA ALA C 75 -5.78 16.63 6.50
C ALA C 75 -6.68 15.89 5.50
N ARG C 76 -6.58 16.27 4.22
CA ARG C 76 -7.44 15.70 3.19
C ARG C 76 -7.04 14.24 2.95
N ALA C 77 -5.75 13.93 3.17
CA ALA C 77 -5.18 12.59 3.00
C ALA C 77 -5.40 11.72 4.25
N GLY C 78 -6.18 12.22 5.21
CA GLY C 78 -6.68 11.45 6.34
C GLY C 78 -5.85 11.63 7.60
N PHE C 79 -4.82 12.49 7.54
CA PHE C 79 -3.91 12.66 8.65
C PHE C 79 -4.42 13.75 9.61
N TYR C 80 -3.91 13.69 10.85
CA TYR C 80 -4.11 14.70 11.90
C TYR C 80 -2.83 14.73 12.73
N ALA C 81 -2.47 15.92 13.22
CA ALA C 81 -1.22 16.13 13.94
C ALA C 81 -1.37 15.65 15.38
N LEU C 82 -0.23 15.25 15.97
CA LEU C 82 -0.16 14.68 17.30
C LEU C 82 0.40 15.71 18.29
N GLY C 83 0.88 16.86 17.77
CA GLY C 83 1.58 17.86 18.57
C GLY C 83 2.82 17.29 19.21
N GLU C 84 3.60 16.53 18.43
CA GLU C 84 4.85 15.95 18.89
C GLU C 84 5.87 16.09 17.76
N GLY C 85 6.08 17.33 17.33
CA GLY C 85 6.87 17.64 16.14
C GLY C 85 5.96 17.71 14.92
N ASP C 86 6.44 17.14 13.80
CA ASP C 86 5.67 17.06 12.55
C ASP C 86 4.96 15.69 12.43
N LYS C 87 4.97 14.88 13.50
CA LYS C 87 4.26 13.59 13.55
C LYS C 87 2.79 13.78 13.18
N VAL C 88 2.29 12.94 12.27
CA VAL C 88 0.88 12.83 11.95
C VAL C 88 0.51 11.36 11.86
N LYS C 89 -0.79 11.10 11.86
CA LYS C 89 -1.33 9.78 11.94
C LYS C 89 -2.62 9.73 11.11
N CYS C 90 -2.83 8.60 10.41
CA CYS C 90 -4.04 8.45 9.61
C CYS C 90 -5.17 8.01 10.54
N PHE C 91 -6.31 8.69 10.44
CA PHE C 91 -7.44 8.38 11.29
C PHE C 91 -7.97 6.98 11.01
N HIS C 92 -7.77 6.49 9.80
CA HIS C 92 -8.40 5.24 9.39
C HIS C 92 -7.46 4.04 9.61
N CYS C 93 -6.26 4.11 9.07
CA CYS C 93 -5.33 2.96 9.15
C CYS C 93 -4.46 3.06 10.41
N GLY C 94 -4.40 4.25 11.01
CA GLY C 94 -3.52 4.50 12.17
C GLY C 94 -2.05 4.62 11.78
N GLY C 95 -1.73 4.71 10.48
CA GLY C 95 -0.33 4.81 10.05
C GLY C 95 0.24 6.16 10.43
N GLY C 96 1.48 6.15 10.95
CA GLY C 96 2.11 7.36 11.42
C GLY C 96 3.35 7.71 10.63
N LEU C 97 3.55 9.02 10.39
CA LEU C 97 4.60 9.56 9.52
C LEU C 97 5.26 10.77 10.20
N THR C 98 6.57 10.94 10.01
CA THR C 98 7.39 12.04 10.56
C THR C 98 8.53 12.37 9.58
N ASP C 99 9.25 13.46 9.86
CA ASP C 99 10.41 13.93 9.09
C ASP C 99 9.99 14.17 7.62
N TRP C 100 8.90 14.92 7.44
CA TRP C 100 8.46 15.34 6.12
C TRP C 100 9.50 16.23 5.46
N LYS C 101 9.61 16.12 4.12
CA LYS C 101 10.36 17.05 3.30
C LYS C 101 9.36 18.01 2.64
N PRO C 102 9.83 19.18 2.13
CA PRO C 102 8.93 20.13 1.47
C PRO C 102 8.23 19.61 0.19
N SER C 103 8.93 18.80 -0.61
CA SER C 103 8.43 18.27 -1.87
C SER C 103 7.28 17.25 -1.68
N GLU C 104 7.27 16.55 -0.54
CA GLU C 104 6.59 15.26 -0.38
C GLU C 104 5.07 15.45 -0.31
N ASP C 105 4.34 14.54 -0.98
CA ASP C 105 2.88 14.57 -1.09
C ASP C 105 2.31 13.63 -0.04
N PRO C 106 1.41 14.12 0.83
CA PRO C 106 0.73 13.27 1.82
C PRO C 106 0.15 11.99 1.23
N TRP C 107 -0.61 12.14 0.14
CA TRP C 107 -1.26 11.05 -0.49
C TRP C 107 -0.22 10.00 -0.95
N GLU C 108 0.87 10.48 -1.54
CA GLU C 108 1.88 9.60 -2.06
C GLU C 108 2.50 8.82 -0.91
N GLN C 109 2.85 9.53 0.16
CA GLN C 109 3.50 8.91 1.31
C GLN C 109 2.54 7.92 1.98
N HIS C 110 1.25 8.28 2.02
CA HIS C 110 0.25 7.41 2.59
C HIS C 110 0.28 6.07 1.86
N ALA C 111 0.26 6.13 0.53
CA ALA C 111 0.32 4.94 -0.32
C ALA C 111 1.66 4.22 -0.19
N LYS C 112 2.76 4.98 -0.12
CA LYS C 112 4.08 4.37 -0.13
C LYS C 112 4.24 3.46 1.10
N TRP C 113 3.75 3.92 2.26
CA TRP C 113 4.07 3.31 3.56
C TRP C 113 2.91 2.47 4.11
N TYR C 114 1.68 2.84 3.78
CA TYR C 114 0.50 2.22 4.35
C TYR C 114 -0.54 1.97 3.27
N PRO C 115 -0.20 1.19 2.22
CA PRO C 115 -1.10 0.98 1.07
C PRO C 115 -2.38 0.22 1.41
N GLY C 116 -2.41 -0.34 2.61
CA GLY C 116 -3.55 -1.13 3.08
C GLY C 116 -4.77 -0.32 3.51
N CYS C 117 -4.60 0.97 3.77
CA CYS C 117 -5.67 1.84 4.31
C CYS C 117 -6.92 1.81 3.42
N LYS C 118 -8.09 1.65 4.03
CA LYS C 118 -9.38 1.65 3.31
C LYS C 118 -9.74 3.06 2.83
N TYR C 119 -9.41 4.06 3.66
CA TYR C 119 -9.70 5.43 3.31
C TYR C 119 -8.95 5.78 2.02
N LEU C 120 -7.63 5.50 2.03
CA LEU C 120 -6.75 5.68 0.87
C LEU C 120 -7.39 5.04 -0.35
N LEU C 121 -7.86 3.80 -0.21
CA LEU C 121 -8.38 3.05 -1.35
C LEU C 121 -9.67 3.69 -1.87
N GLU C 122 -10.54 4.13 -0.95
CA GLU C 122 -11.79 4.77 -1.35
C GLU C 122 -11.50 6.11 -2.04
N GLN C 123 -10.46 6.80 -1.59
CA GLN C 123 -10.18 8.15 -2.03
C GLN C 123 -9.38 8.15 -3.33
N LYS C 124 -8.42 7.24 -3.51
CA LYS C 124 -7.44 7.33 -4.62
C LYS C 124 -7.50 6.15 -5.59
N GLY C 125 -8.04 5.00 -5.13
CA GLY C 125 -8.27 3.83 -5.98
C GLY C 125 -7.03 2.94 -6.10
N GLN C 126 -7.29 1.72 -6.58
CA GLN C 126 -6.33 0.64 -6.74
C GLN C 126 -5.12 1.12 -7.55
N GLU C 127 -5.40 1.74 -8.70
CA GLU C 127 -4.40 2.05 -9.70
C GLU C 127 -3.36 3.01 -9.12
N TYR C 128 -3.86 4.02 -8.39
CA TYR C 128 -3.01 4.98 -7.75
C TYR C 128 -2.02 4.29 -6.79
N ILE C 129 -2.56 3.40 -5.95
CA ILE C 129 -1.75 2.79 -4.93
C ILE C 129 -0.71 1.88 -5.61
N ASN C 130 -1.21 0.96 -6.46
CA ASN C 130 -0.38 0.00 -7.12
C ASN C 130 0.67 0.72 -7.97
N ASN C 131 0.30 1.89 -8.52
CA ASN C 131 1.23 2.62 -9.35
C ASN C 131 2.45 3.01 -8.50
N ILE C 132 2.20 3.53 -7.30
CA ILE C 132 3.27 3.97 -6.44
C ILE C 132 4.22 2.78 -6.16
N HIS C 133 3.64 1.60 -5.96
CA HIS C 133 4.42 0.43 -5.59
C HIS C 133 5.19 -0.15 -6.78
N LEU C 134 4.59 -0.16 -7.95
CA LEU C 134 5.27 -0.65 -9.14
C LEU C 134 6.43 0.28 -9.47
N THR C 135 6.19 1.58 -9.35
CA THR C 135 7.22 2.56 -9.62
C THR C 135 8.42 2.23 -8.71
N HIS C 136 8.16 2.05 -7.41
CA HIS C 136 9.21 1.75 -6.43
C HIS C 136 9.93 0.44 -6.80
N SER C 137 9.18 -0.59 -7.16
CA SER C 137 9.71 -1.92 -7.55
C SER C 137 10.68 -1.82 -8.75
N LEU C 138 10.38 -0.94 -9.71
CA LEU C 138 11.22 -0.72 -10.89
C LEU C 138 12.54 -0.04 -10.49
N GLU C 139 12.44 0.92 -9.57
CA GLU C 139 13.59 1.61 -9.00
C GLU C 139 14.56 0.60 -8.37
N GLU C 140 14.04 -0.31 -7.54
CA GLU C 140 14.86 -1.35 -6.87
C GLU C 140 15.43 -2.31 -7.92
N CYS C 141 14.65 -2.66 -8.94
CA CYS C 141 15.07 -3.57 -10.02
C CYS C 141 16.27 -2.99 -10.80
N LEU C 142 16.19 -1.75 -11.28
CA LEU C 142 17.31 -1.12 -12.01
C LEU C 142 18.16 -0.27 -11.04
N THR D 44 -15.97 3.17 -8.61
CA THR D 44 -14.54 3.62 -8.72
C THR D 44 -13.64 2.41 -8.91
N ASN D 45 -13.65 1.45 -7.95
CA ASN D 45 -12.73 0.29 -7.90
C ASN D 45 -13.52 -0.99 -8.23
N LEU D 46 -13.86 -1.15 -9.51
CA LEU D 46 -14.67 -2.24 -10.02
C LEU D 46 -13.73 -3.30 -10.56
N PRO D 47 -14.09 -4.60 -10.57
CA PRO D 47 -13.16 -5.62 -11.05
C PRO D 47 -12.69 -5.29 -12.46
N ARG D 48 -11.39 -5.44 -12.68
CA ARG D 48 -10.75 -5.17 -13.95
C ARG D 48 -11.18 -6.25 -14.97
N ASN D 49 -11.59 -7.43 -14.47
CA ASN D 49 -12.03 -8.55 -15.31
C ASN D 49 -13.21 -9.23 -14.65
N PRO D 50 -14.43 -8.62 -14.67
CA PRO D 50 -15.58 -9.15 -13.93
C PRO D 50 -15.97 -10.59 -14.28
N SER D 51 -15.54 -11.05 -15.46
CA SER D 51 -15.80 -12.40 -15.93
C SER D 51 -15.07 -13.45 -15.07
N MET D 52 -14.00 -13.05 -14.38
CA MET D 52 -13.18 -13.98 -13.59
C MET D 52 -13.40 -13.80 -12.08
N ALA D 53 -14.53 -13.17 -11.72
CA ALA D 53 -14.84 -12.81 -10.32
C ALA D 53 -15.24 -14.03 -9.49
N ASP D 54 -15.61 -15.14 -10.14
CA ASP D 54 -15.98 -16.38 -9.46
C ASP D 54 -14.76 -17.31 -9.36
N TYR D 55 -14.67 -17.99 -8.22
CA TYR D 55 -13.60 -18.96 -7.95
C TYR D 55 -13.54 -20.00 -9.07
N GLU D 56 -14.73 -20.50 -9.47
CA GLU D 56 -14.90 -21.59 -10.45
C GLU D 56 -14.30 -21.18 -11.80
N ALA D 57 -14.65 -19.95 -12.24
CA ALA D 57 -14.07 -19.40 -13.46
C ALA D 57 -12.54 -19.48 -13.39
N ARG D 58 -11.99 -19.10 -12.23
CA ARG D 58 -10.55 -18.95 -12.09
C ARG D 58 -9.85 -20.32 -12.12
N ILE D 59 -10.32 -21.27 -11.31
CA ILE D 59 -9.71 -22.64 -11.24
C ILE D 59 -9.71 -23.27 -12.63
N PHE D 60 -10.81 -23.07 -13.38
CA PHE D 60 -10.98 -23.63 -14.73
C PHE D 60 -9.71 -23.33 -15.55
N THR D 61 -9.20 -22.11 -15.44
CA THR D 61 -8.05 -21.64 -16.21
C THR D 61 -6.78 -22.46 -15.93
N PHE D 62 -6.72 -23.13 -14.77
CA PHE D 62 -5.53 -23.89 -14.36
C PHE D 62 -5.65 -25.38 -14.74
N GLY D 63 -6.43 -25.68 -15.79
CA GLY D 63 -6.54 -27.03 -16.33
C GLY D 63 -5.18 -27.65 -16.58
N THR D 64 -4.32 -26.96 -17.35
CA THR D 64 -3.00 -27.49 -17.78
C THR D 64 -1.90 -26.97 -16.84
N TRP D 65 -2.16 -27.01 -15.53
CA TRP D 65 -1.25 -26.42 -14.55
C TRP D 65 -0.23 -27.47 -14.07
N ILE D 66 1.06 -27.16 -14.31
CA ILE D 66 2.17 -28.10 -14.14
C ILE D 66 3.29 -27.46 -13.31
N TYR D 67 2.95 -26.45 -12.50
CA TYR D 67 3.95 -25.66 -11.77
C TYR D 67 3.76 -25.88 -10.27
N SER D 68 4.85 -25.64 -9.53
CA SER D 68 4.98 -25.98 -8.12
C SER D 68 3.81 -25.43 -7.29
N VAL D 69 3.40 -24.17 -7.55
CA VAL D 69 2.51 -23.45 -6.66
C VAL D 69 1.05 -23.90 -6.87
N ASN D 70 0.36 -24.10 -5.74
CA ASN D 70 -0.94 -24.73 -5.72
C ASN D 70 -1.95 -23.86 -6.46
N LYS D 71 -2.64 -24.46 -7.43
CA LYS D 71 -3.62 -23.79 -8.29
C LYS D 71 -4.85 -23.35 -7.48
N GLU D 72 -5.19 -24.07 -6.41
CA GLU D 72 -6.36 -23.72 -5.59
C GLU D 72 -6.05 -22.45 -4.79
N GLN D 73 -4.80 -22.32 -4.36
CA GLN D 73 -4.35 -21.15 -3.57
C GLN D 73 -4.29 -19.92 -4.47
N LEU D 74 -3.69 -20.07 -5.67
CA LEU D 74 -3.66 -19.01 -6.68
C LEU D 74 -5.08 -18.50 -6.94
N ALA D 75 -6.01 -19.42 -7.12
CA ALA D 75 -7.35 -19.07 -7.51
C ALA D 75 -8.06 -18.34 -6.37
N ARG D 76 -7.82 -18.79 -5.13
CA ARG D 76 -8.51 -18.24 -3.97
C ARG D 76 -8.02 -16.81 -3.72
N ALA D 77 -6.76 -16.54 -4.10
CA ALA D 77 -6.10 -15.23 -3.95
C ALA D 77 -6.45 -14.29 -5.12
N GLY D 78 -7.36 -14.72 -5.99
CA GLY D 78 -7.97 -13.87 -7.02
C GLY D 78 -7.32 -14.04 -8.39
N PHE D 79 -6.33 -14.93 -8.50
CA PHE D 79 -5.58 -15.09 -9.74
C PHE D 79 -6.26 -16.11 -10.66
N TYR D 80 -5.92 -16.00 -11.95
CA TYR D 80 -6.30 -16.95 -13.01
C TYR D 80 -5.15 -16.98 -14.01
N ALA D 81 -4.91 -18.16 -14.60
CA ALA D 81 -3.77 -18.38 -15.50
C ALA D 81 -4.08 -17.81 -16.89
N LEU D 82 -3.02 -17.42 -17.60
CA LEU D 82 -3.08 -16.80 -18.90
C LEU D 82 -2.68 -17.78 -20.00
N GLY D 83 -2.20 -18.97 -19.61
CA GLY D 83 -1.66 -19.96 -20.54
C GLY D 83 -0.46 -19.41 -21.30
N GLU D 84 0.44 -18.76 -20.56
CA GLU D 84 1.64 -18.13 -21.13
C GLU D 84 2.80 -18.40 -20.17
N GLY D 85 3.01 -19.69 -19.84
CA GLY D 85 3.93 -20.11 -18.78
C GLY D 85 3.19 -20.20 -17.46
N ASP D 86 3.81 -19.72 -16.37
CA ASP D 86 3.20 -19.67 -15.05
C ASP D 86 2.57 -18.29 -14.77
N LYS D 87 2.49 -17.42 -15.78
CA LYS D 87 1.85 -16.11 -15.69
C LYS D 87 0.41 -16.25 -15.16
N VAL D 88 0.08 -15.44 -14.15
CA VAL D 88 -1.26 -15.31 -13.65
C VAL D 88 -1.57 -13.83 -13.44
N LYS D 89 -2.84 -13.52 -13.25
CA LYS D 89 -3.33 -12.18 -13.23
C LYS D 89 -4.50 -12.11 -12.25
N CYS D 90 -4.58 -11.03 -11.47
CA CYS D 90 -5.65 -10.85 -10.51
C CYS D 90 -6.88 -10.31 -11.25
N PHE D 91 -8.02 -10.95 -11.04
CA PHE D 91 -9.24 -10.56 -11.71
C PHE D 91 -9.66 -9.14 -11.31
N HIS D 92 -9.28 -8.71 -10.11
CA HIS D 92 -9.78 -7.46 -9.58
C HIS D 92 -8.82 -6.30 -9.88
N CYS D 93 -7.54 -6.45 -9.50
CA CYS D 93 -6.58 -5.36 -9.65
C CYS D 93 -5.88 -5.43 -11.02
N GLY D 94 -5.98 -6.58 -11.68
CA GLY D 94 -5.28 -6.83 -12.95
C GLY D 94 -3.77 -7.05 -12.78
N GLY D 95 -3.30 -7.23 -11.54
CA GLY D 95 -1.90 -7.46 -11.29
C GLY D 95 -1.42 -8.78 -11.83
N GLY D 96 -0.26 -8.80 -12.50
CA GLY D 96 0.28 -10.00 -13.09
C GLY D 96 1.58 -10.43 -12.46
N LEU D 97 1.75 -11.74 -12.26
CA LEU D 97 2.86 -12.37 -11.54
C LEU D 97 3.42 -13.56 -12.33
N THR D 98 4.74 -13.76 -12.25
CA THR D 98 5.45 -14.85 -12.96
C THR D 98 6.65 -15.34 -12.13
N ASP D 99 7.25 -16.45 -12.56
CA ASP D 99 8.46 -17.03 -11.99
C ASP D 99 8.23 -17.38 -10.51
N TRP D 100 7.14 -18.09 -10.25
CA TRP D 100 6.81 -18.56 -8.90
C TRP D 100 7.87 -19.56 -8.44
N LYS D 101 8.16 -19.55 -7.13
CA LYS D 101 8.96 -20.56 -6.46
C LYS D 101 8.01 -21.49 -5.70
N PRO D 102 8.44 -22.70 -5.32
CA PRO D 102 7.55 -23.66 -4.64
C PRO D 102 6.98 -23.21 -3.28
N SER D 103 7.78 -22.51 -2.49
CA SER D 103 7.45 -22.06 -1.14
C SER D 103 6.36 -20.96 -1.15
N GLU D 104 6.28 -20.17 -2.23
CA GLU D 104 5.71 -18.81 -2.21
C GLU D 104 4.20 -18.84 -2.03
N ASP D 105 3.69 -17.91 -1.22
CA ASP D 105 2.26 -17.81 -0.91
C ASP D 105 1.61 -16.80 -1.85
N PRO D 106 0.57 -17.20 -2.61
CA PRO D 106 -0.14 -16.28 -3.50
C PRO D 106 -0.59 -15.01 -2.78
N TRP D 107 -1.22 -15.16 -1.63
CA TRP D 107 -1.72 -14.05 -0.87
C TRP D 107 -0.59 -13.08 -0.53
N GLU D 108 0.54 -13.63 -0.10
CA GLU D 108 1.65 -12.80 0.30
C GLU D 108 2.16 -12.02 -0.91
N GLN D 109 2.33 -12.72 -2.03
CA GLN D 109 2.85 -12.10 -3.24
C GLN D 109 1.84 -11.04 -3.76
N HIS D 110 0.56 -11.35 -3.64
CA HIS D 110 -0.47 -10.41 -4.04
C HIS D 110 -0.27 -9.07 -3.29
N ALA D 111 -0.11 -9.17 -1.97
CA ALA D 111 0.12 -8.03 -1.11
C ALA D 111 1.46 -7.36 -1.40
N LYS D 112 2.50 -8.17 -1.65
CA LYS D 112 3.82 -7.62 -1.82
C LYS D 112 3.88 -6.69 -3.03
N TRP D 113 3.20 -7.08 -4.12
CA TRP D 113 3.40 -6.45 -5.43
C TRP D 113 2.22 -5.53 -5.79
N TYR D 114 1.00 -5.86 -5.31
CA TYR D 114 -0.20 -5.18 -5.69
C TYR D 114 -1.09 -4.91 -4.49
N PRO D 115 -0.58 -4.18 -3.46
CA PRO D 115 -1.31 -4.00 -2.20
C PRO D 115 -2.59 -3.17 -2.32
N GLY D 116 -2.78 -2.54 -3.49
CA GLY D 116 -3.88 -1.66 -3.76
C GLY D 116 -5.18 -2.38 -4.05
N CYS D 117 -5.13 -3.67 -4.39
CA CYS D 117 -6.30 -4.47 -4.78
C CYS D 117 -7.42 -4.41 -3.73
N LYS D 118 -8.66 -4.18 -4.18
CA LYS D 118 -9.82 -4.15 -3.29
C LYS D 118 -10.20 -5.56 -2.85
N TYR D 119 -10.02 -6.53 -3.73
CA TYR D 119 -10.33 -7.91 -3.40
C TYR D 119 -9.43 -8.34 -2.23
N LEU D 120 -8.12 -8.12 -2.41
CA LEU D 120 -7.13 -8.37 -1.38
C LEU D 120 -7.57 -7.73 -0.05
N LEU D 121 -7.99 -6.47 -0.09
CA LEU D 121 -8.36 -5.75 1.12
C LEU D 121 -9.60 -6.36 1.76
N GLU D 122 -10.60 -6.72 0.96
CA GLU D 122 -11.82 -7.34 1.49
C GLU D 122 -11.49 -8.71 2.10
N GLN D 123 -10.53 -9.43 1.50
CA GLN D 123 -10.25 -10.79 1.87
C GLN D 123 -9.30 -10.86 3.07
N LYS D 124 -8.28 -9.98 3.15
CA LYS D 124 -7.18 -10.14 4.12
C LYS D 124 -7.07 -8.98 5.09
N GLY D 125 -7.55 -7.79 4.72
CA GLY D 125 -7.60 -6.61 5.58
C GLY D 125 -6.30 -5.81 5.65
N GLN D 126 -6.41 -4.60 6.20
CA GLN D 126 -5.40 -3.56 6.26
C GLN D 126 -4.09 -4.11 6.84
N GLU D 127 -4.22 -4.74 8.01
CA GLU D 127 -3.08 -5.10 8.86
CA GLU D 127 -3.10 -5.10 8.87
C GLU D 127 -2.25 -6.14 8.12
N TYR D 128 -2.93 -7.10 7.49
CA TYR D 128 -2.25 -8.13 6.70
C TYR D 128 -1.38 -7.47 5.62
N ILE D 129 -1.97 -6.52 4.89
CA ILE D 129 -1.28 -5.94 3.76
C ILE D 129 -0.09 -5.12 4.27
N ASN D 130 -0.36 -4.22 5.20
CA ASN D 130 0.65 -3.34 5.75
C ASN D 130 1.75 -4.16 6.40
N ASN D 131 1.38 -5.31 6.98
CA ASN D 131 2.37 -6.19 7.60
C ASN D 131 3.37 -6.65 6.54
N ILE D 132 2.86 -7.07 5.40
CA ILE D 132 3.71 -7.58 4.33
C ILE D 132 4.66 -6.47 3.88
N HIS D 133 4.20 -5.23 3.85
CA HIS D 133 5.02 -4.11 3.41
C HIS D 133 6.07 -3.72 4.44
N LEU D 134 5.71 -3.73 5.71
CA LEU D 134 6.67 -3.41 6.74
C LEU D 134 7.76 -4.48 6.73
N THR D 135 7.35 -5.74 6.63
CA THR D 135 8.27 -6.86 6.57
C THR D 135 9.27 -6.60 5.43
N HIS D 136 8.77 -6.29 4.24
CA HIS D 136 9.59 -6.05 3.03
C HIS D 136 10.55 -4.87 3.27
N SER D 137 10.04 -3.78 3.86
CA SER D 137 10.83 -2.57 4.14
C SER D 137 12.02 -2.88 5.07
N LEU D 138 11.81 -3.76 6.05
CA LEU D 138 12.86 -4.16 7.00
C LEU D 138 13.93 -4.99 6.29
N GLU D 139 13.48 -5.87 5.39
CA GLU D 139 14.37 -6.69 4.55
C GLU D 139 15.31 -5.80 3.75
N GLU D 140 14.77 -4.77 3.08
CA GLU D 140 15.58 -3.83 2.29
C GLU D 140 16.52 -3.05 3.20
N CYS D 141 16.03 -2.65 4.38
CA CYS D 141 16.80 -1.86 5.34
C CYS D 141 18.00 -2.65 5.87
N LEU D 142 17.75 -3.90 6.28
CA LEU D 142 18.76 -4.76 6.91
C LEU D 142 19.68 -5.41 5.86
N VAL D 143 19.57 -5.02 4.58
CA VAL D 143 20.65 -5.25 3.56
C VAL D 143 21.74 -4.16 3.72
N ARG D 144 21.46 -2.94 3.24
CA ARG D 144 22.41 -1.80 3.25
C ARG D 144 22.58 -1.23 4.67
N SER E 43 -11.25 -12.13 18.53
CA SER E 43 -10.38 -13.27 18.96
C SER E 43 -10.44 -14.42 17.95
N THR E 44 -10.40 -14.12 16.63
CA THR E 44 -10.42 -15.16 15.53
C THR E 44 -8.98 -15.33 15.00
N ASN E 45 -8.15 -15.92 15.88
CA ASN E 45 -6.75 -16.31 15.60
C ASN E 45 -6.69 -17.83 15.43
N LEU E 46 -7.05 -18.28 14.22
CA LEU E 46 -6.95 -19.67 13.81
C LEU E 46 -5.60 -19.89 13.14
N PRO E 47 -5.03 -21.10 13.17
CA PRO E 47 -3.74 -21.34 12.53
C PRO E 47 -3.79 -20.88 11.06
N ARG E 48 -2.74 -20.18 10.65
CA ARG E 48 -2.61 -19.67 9.31
C ARG E 48 -2.35 -20.83 8.34
N ASN E 49 -1.85 -21.95 8.84
CA ASN E 49 -1.57 -23.15 8.04
C ASN E 49 -1.94 -24.39 8.85
N PRO E 50 -3.25 -24.70 9.01
CA PRO E 50 -3.71 -25.77 9.89
C PRO E 50 -3.12 -27.15 9.57
N SER E 51 -2.64 -27.32 8.33
CA SER E 51 -2.04 -28.56 7.87
C SER E 51 -0.71 -28.84 8.59
N MET E 52 -0.06 -27.79 9.12
CA MET E 52 1.26 -27.92 9.77
C MET E 52 1.15 -27.79 11.29
N ALA E 53 -0.06 -28.00 11.83
CA ALA E 53 -0.33 -27.83 13.26
C ALA E 53 0.25 -28.99 14.09
N ASP E 54 0.60 -30.10 13.45
CA ASP E 54 1.20 -31.26 14.13
C ASP E 54 2.73 -31.19 14.04
N TYR E 55 3.38 -31.57 15.14
CA TYR E 55 4.84 -31.61 15.23
C TYR E 55 5.41 -32.47 14.09
N GLU E 56 4.79 -33.62 13.85
CA GLU E 56 5.23 -34.65 12.88
C GLU E 56 5.24 -34.05 11.47
N ALA E 57 4.14 -33.36 11.11
CA ALA E 57 4.07 -32.65 9.84
C ALA E 57 5.30 -31.73 9.69
N ARG E 58 5.62 -31.01 10.76
CA ARG E 58 6.61 -29.96 10.70
C ARG E 58 8.02 -30.57 10.55
N ILE E 59 8.38 -31.54 11.40
CA ILE E 59 9.72 -32.18 11.35
C ILE E 59 9.95 -32.77 9.96
N PHE E 60 8.91 -33.38 9.39
CA PHE E 60 8.98 -34.00 8.07
C PHE E 60 9.65 -33.04 7.08
N THR E 61 9.25 -31.77 7.13
CA THR E 61 9.73 -30.73 6.22
C THR E 61 11.26 -30.53 6.31
N PHE E 62 11.87 -30.93 7.43
CA PHE E 62 13.31 -30.72 7.68
C PHE E 62 14.13 -31.97 7.30
N GLY E 63 13.61 -32.79 6.39
CA GLY E 63 14.34 -33.94 5.86
C GLY E 63 15.74 -33.54 5.38
N THR E 64 15.80 -32.52 4.52
CA THR E 64 16.98 -32.04 3.81
C THR E 64 17.69 -30.93 4.61
N TRP E 65 17.71 -31.03 5.95
CA TRP E 65 18.13 -29.90 6.78
C TRP E 65 19.64 -29.98 7.07
N ILE E 66 20.37 -28.94 6.64
CA ILE E 66 21.84 -28.92 6.60
C ILE E 66 22.38 -27.64 7.27
N TYR E 67 21.56 -27.01 8.13
CA TYR E 67 21.90 -25.70 8.70
C TYR E 67 22.09 -25.83 10.22
N SER E 68 22.78 -24.85 10.79
CA SER E 68 23.32 -24.93 12.15
C SER E 68 22.21 -25.24 13.18
N VAL E 69 21.04 -24.63 13.03
CA VAL E 69 20.03 -24.64 14.09
C VAL E 69 19.25 -25.96 14.06
N ASN E 70 19.03 -26.52 15.24
CA ASN E 70 18.44 -27.82 15.43
C ASN E 70 17.01 -27.84 14.89
N LYS E 71 16.75 -28.80 14.00
CA LYS E 71 15.47 -28.97 13.32
C LYS E 71 14.36 -29.38 14.31
N GLU E 72 14.71 -30.08 15.39
CA GLU E 72 13.69 -30.51 16.38
C GLU E 72 13.22 -29.28 17.17
N GLN E 73 14.14 -28.33 17.41
CA GLN E 73 13.84 -27.11 18.17
C GLN E 73 12.98 -26.19 17.29
N LEU E 74 13.35 -26.00 16.02
CA LEU E 74 12.57 -25.24 15.05
C LEU E 74 11.14 -25.77 15.00
N ALA E 75 11.01 -27.09 14.94
CA ALA E 75 9.72 -27.69 14.76
C ALA E 75 8.86 -27.50 16.01
N ARG E 76 9.48 -27.62 17.18
CA ARG E 76 8.77 -27.54 18.46
C ARG E 76 8.26 -26.10 18.66
N ALA E 77 8.99 -25.13 18.12
CA ALA E 77 8.68 -23.70 18.21
C ALA E 77 7.66 -23.27 17.14
N GLY E 78 7.11 -24.25 16.40
CA GLY E 78 5.98 -24.06 15.51
C GLY E 78 6.39 -23.87 14.06
N PHE E 79 7.69 -23.94 13.77
CA PHE E 79 8.18 -23.67 12.43
C PHE E 79 8.19 -24.94 11.58
N TYR E 80 8.21 -24.75 10.26
CA TYR E 80 8.39 -25.77 9.25
C TYR E 80 9.16 -25.15 8.09
N ALA E 81 10.03 -25.94 7.44
CA ALA E 81 10.90 -25.45 6.38
C ALA E 81 10.11 -25.32 5.08
N LEU E 82 10.58 -24.40 4.21
CA LEU E 82 9.95 -24.09 2.95
C LEU E 82 10.75 -24.70 1.79
N GLY E 83 11.93 -25.27 2.09
CA GLY E 83 12.85 -25.78 1.08
C GLY E 83 13.29 -24.69 0.13
N GLU E 84 13.64 -23.52 0.68
CA GLU E 84 14.10 -22.37 -0.09
C GLU E 84 15.23 -21.73 0.72
N GLY E 85 16.26 -22.53 1.01
CA GLY E 85 17.34 -22.15 1.91
C GLY E 85 17.03 -22.58 3.33
N ASP E 86 17.32 -21.71 4.30
CA ASP E 86 17.02 -21.94 5.71
C ASP E 86 15.70 -21.26 6.11
N LYS E 87 14.94 -20.75 5.13
CA LYS E 87 13.62 -20.14 5.37
C LYS E 87 12.71 -21.13 6.12
N VAL E 88 12.09 -20.63 7.20
CA VAL E 88 11.05 -21.35 7.92
C VAL E 88 9.91 -20.38 8.21
N LYS E 89 8.77 -20.96 8.58
CA LYS E 89 7.55 -20.23 8.74
C LYS E 89 6.76 -20.84 9.89
N CYS E 90 6.13 -20.01 10.70
CA CYS E 90 5.32 -20.51 11.81
C CYS E 90 3.95 -20.92 11.28
N PHE E 91 3.53 -22.11 11.64
CA PHE E 91 2.26 -22.64 11.16
C PHE E 91 1.10 -21.80 11.67
N HIS E 92 1.27 -21.13 12.82
CA HIS E 92 0.16 -20.45 13.45
C HIS E 92 0.11 -18.98 13.06
N CYS E 93 1.22 -18.25 13.25
CA CYS E 93 1.22 -16.81 13.00
C CYS E 93 1.60 -16.51 11.54
N GLY E 94 2.18 -17.51 10.85
CA GLY E 94 2.68 -17.34 9.50
C GLY E 94 3.97 -16.51 9.44
N GLY E 95 4.61 -16.26 10.59
CA GLY E 95 5.83 -15.49 10.61
C GLY E 95 6.98 -16.26 9.96
N GLY E 96 7.77 -15.58 9.13
CA GLY E 96 8.87 -16.21 8.44
C GLY E 96 10.22 -15.67 8.85
N LEU E 97 11.19 -16.58 8.96
CA LEU E 97 12.56 -16.28 9.45
C LEU E 97 13.59 -16.92 8.51
N THR E 98 14.72 -16.22 8.33
CA THR E 98 15.87 -16.65 7.50
C THR E 98 17.17 -16.18 8.13
N ASP E 99 18.30 -16.66 7.57
CA ASP E 99 19.66 -16.26 7.95
C ASP E 99 19.90 -16.55 9.43
N TRP E 100 19.60 -17.78 9.84
CA TRP E 100 19.86 -18.23 11.21
C TRP E 100 21.37 -18.22 11.48
N LYS E 101 21.75 -17.91 12.72
CA LYS E 101 23.11 -18.05 13.23
C LYS E 101 23.16 -19.30 14.09
N PRO E 102 24.35 -19.88 14.36
CA PRO E 102 24.45 -21.14 15.09
C PRO E 102 23.94 -21.14 16.54
N SER E 103 24.14 -20.03 17.25
CA SER E 103 23.74 -19.88 18.66
C SER E 103 22.21 -19.81 18.84
N GLU E 104 21.48 -19.34 17.82
CA GLU E 104 20.16 -18.70 17.98
C GLU E 104 19.08 -19.72 18.36
N ASP E 105 18.20 -19.31 19.28
CA ASP E 105 17.11 -20.14 19.79
C ASP E 105 15.83 -19.83 18.99
N PRO E 106 15.20 -20.86 18.38
CA PRO E 106 13.94 -20.68 17.66
C PRO E 106 12.88 -19.93 18.47
N TRP E 107 12.67 -20.36 19.70
CA TRP E 107 11.68 -19.78 20.56
C TRP E 107 11.98 -18.29 20.77
N GLU E 108 13.25 -17.96 21.00
CA GLU E 108 13.62 -16.60 21.26
C GLU E 108 13.33 -15.76 20.03
N GLN E 109 13.73 -16.25 18.87
CA GLN E 109 13.57 -15.51 17.62
C GLN E 109 12.08 -15.38 17.29
N HIS E 110 11.30 -16.41 17.60
CA HIS E 110 9.87 -16.36 17.40
C HIS E 110 9.29 -15.19 18.17
N ALA E 111 9.67 -15.07 19.44
CA ALA E 111 9.23 -14.01 20.33
C ALA E 111 9.80 -12.67 19.89
N LYS E 112 11.06 -12.63 19.44
CA LYS E 112 11.68 -11.38 19.11
C LYS E 112 10.94 -10.70 17.95
N TRP E 113 10.52 -11.50 16.96
CA TRP E 113 10.04 -10.97 15.66
C TRP E 113 8.52 -11.03 15.53
N TYR E 114 7.90 -12.02 16.19
CA TYR E 114 6.49 -12.28 16.03
C TYR E 114 5.87 -12.57 17.40
N PRO E 115 5.93 -11.61 18.36
CA PRO E 115 5.43 -11.84 19.72
C PRO E 115 3.91 -12.01 19.79
N GLY E 116 3.23 -11.70 18.69
CA GLY E 116 1.80 -11.78 18.60
C GLY E 116 1.25 -13.19 18.46
N CYS E 117 2.08 -14.17 18.08
CA CYS E 117 1.63 -15.55 17.80
C CYS E 117 0.88 -16.16 19.00
N LYS E 118 -0.28 -16.78 18.75
CA LYS E 118 -1.06 -17.42 19.79
C LYS E 118 -0.40 -18.72 20.27
N TYR E 119 0.23 -19.43 19.32
CA TYR E 119 0.91 -20.65 19.65
C TYR E 119 2.03 -20.35 20.65
N LEU E 120 2.87 -19.38 20.29
CA LEU E 120 3.95 -18.88 21.14
C LEU E 120 3.41 -18.56 22.53
N LEU E 121 2.28 -17.86 22.61
CA LEU E 121 1.74 -17.44 23.90
C LEU E 121 1.27 -18.65 24.71
N GLU E 122 0.62 -19.61 24.05
CA GLU E 122 0.15 -20.80 24.74
C GLU E 122 1.35 -21.63 25.23
N GLN E 123 2.45 -21.62 24.47
CA GLN E 123 3.56 -22.50 24.73
C GLN E 123 4.51 -21.87 25.77
N LYS E 124 4.76 -20.56 25.71
CA LYS E 124 5.85 -19.95 26.50
C LYS E 124 5.35 -18.92 27.51
N GLY E 125 4.17 -18.33 27.27
CA GLY E 125 3.54 -17.42 28.23
C GLY E 125 4.02 -15.98 28.13
N GLN E 126 3.23 -15.08 28.73
CA GLN E 126 3.37 -13.63 28.64
C GLN E 126 4.79 -13.20 29.03
N GLU E 127 5.24 -13.72 30.18
CA GLU E 127 6.45 -13.27 30.84
C GLU E 127 7.65 -13.54 29.94
N TYR E 128 7.67 -14.73 29.33
CA TYR E 128 8.72 -15.12 28.43
C TYR E 128 8.80 -14.12 27.27
N ILE E 129 7.66 -13.79 26.66
CA ILE E 129 7.66 -12.97 25.49
C ILE E 129 8.11 -11.56 25.88
N ASN E 130 7.44 -11.00 26.88
CA ASN E 130 7.73 -9.65 27.33
C ASN E 130 9.19 -9.56 27.81
N ASN E 131 9.70 -10.65 28.36
CA ASN E 131 11.09 -10.66 28.82
C ASN E 131 12.01 -10.41 27.64
N ILE E 132 11.76 -11.11 26.53
CA ILE E 132 12.59 -10.98 25.34
C ILE E 132 12.58 -9.52 24.88
N HIS E 133 11.41 -8.87 24.95
CA HIS E 133 11.27 -7.51 24.45
C HIS E 133 11.89 -6.50 25.39
N LEU E 134 11.78 -6.68 26.70
CA LEU E 134 12.38 -5.76 27.64
C LEU E 134 13.91 -5.84 27.50
N THR E 135 14.39 -7.07 27.38
CA THR E 135 15.82 -7.29 27.22
C THR E 135 16.29 -6.49 26.00
N HIS E 136 15.58 -6.66 24.87
CA HIS E 136 15.90 -6.00 23.59
C HIS E 136 15.85 -4.48 23.75
N SER E 137 14.83 -3.95 24.44
CA SER E 137 14.64 -2.51 24.68
C SER E 137 15.84 -1.90 25.43
N LEU E 138 16.40 -2.65 26.38
CA LEU E 138 17.55 -2.18 27.16
C LEU E 138 18.81 -2.14 26.28
N GLU E 139 18.95 -3.15 25.42
CA GLU E 139 20.03 -3.25 24.43
C GLU E 139 20.04 -1.99 23.54
N GLU E 140 18.87 -1.64 22.98
CA GLU E 140 18.74 -0.47 22.10
C GLU E 140 19.01 0.81 22.89
N CYS E 141 18.55 0.87 24.14
CA CYS E 141 18.78 2.03 25.03
C CYS E 141 20.28 2.23 25.29
N LEU E 142 20.89 1.14 25.80
CA LEU E 142 22.31 1.03 26.10
C LEU E 142 22.59 1.79 27.41
N THR F 44 -2.24 -21.08 32.73
CA THR F 44 -0.82 -20.68 32.45
C THR F 44 -0.70 -19.15 32.45
N ASN F 45 -1.48 -18.46 31.60
CA ASN F 45 -1.46 -16.98 31.47
C ASN F 45 -2.74 -16.40 32.08
N LEU F 46 -2.79 -16.35 33.41
CA LEU F 46 -3.98 -15.88 34.14
C LEU F 46 -3.77 -14.40 34.46
N PRO F 47 -4.84 -13.58 34.54
CA PRO F 47 -4.67 -12.16 34.85
C PRO F 47 -3.82 -11.98 36.11
N ARG F 48 -2.87 -11.05 36.01
CA ARG F 48 -1.96 -10.75 37.07
C ARG F 48 -2.71 -10.03 38.21
N ASN F 49 -3.84 -9.38 37.87
CA ASN F 49 -4.67 -8.67 38.84
C ASN F 49 -6.14 -8.89 38.50
N PRO F 50 -6.70 -10.09 38.77
CA PRO F 50 -8.05 -10.42 38.31
C PRO F 50 -9.15 -9.49 38.84
N SER F 51 -8.84 -8.74 39.90
CA SER F 51 -9.76 -7.77 40.49
C SER F 51 -10.03 -6.60 39.54
N MET F 52 -9.10 -6.34 38.60
CA MET F 52 -9.20 -5.19 37.68
C MET F 52 -9.59 -5.66 36.26
N ALA F 53 -10.16 -6.86 36.15
CA ALA F 53 -10.50 -7.48 34.86
C ALA F 53 -11.73 -6.83 34.23
N ASP F 54 -12.53 -6.09 35.01
CA ASP F 54 -13.71 -5.39 34.51
C ASP F 54 -13.36 -3.94 34.14
N TYR F 55 -13.95 -3.46 33.05
CA TYR F 55 -13.74 -2.09 32.56
C TYR F 55 -14.07 -1.10 33.68
N GLU F 56 -15.20 -1.34 34.37
CA GLU F 56 -15.74 -0.44 35.41
C GLU F 56 -14.76 -0.30 36.56
N ALA F 57 -14.23 -1.44 37.02
CA ALA F 57 -13.15 -1.43 38.04
C ALA F 57 -12.04 -0.46 37.60
N ARG F 58 -11.65 -0.55 36.33
CA ARG F 58 -10.48 0.15 35.85
C ARG F 58 -10.76 1.65 35.76
N ILE F 59 -11.87 2.05 35.12
CA ILE F 59 -12.22 3.49 34.99
C ILE F 59 -12.30 4.14 36.37
N PHE F 60 -12.87 3.42 37.35
CA PHE F 60 -13.03 3.92 38.73
C PHE F 60 -11.70 4.51 39.20
N THR F 61 -10.60 3.82 38.92
CA THR F 61 -9.25 4.21 39.38
C THR F 61 -8.84 5.60 38.83
N PHE F 62 -9.46 6.03 37.72
CA PHE F 62 -9.10 7.30 37.06
C PHE F 62 -10.01 8.45 37.53
N GLY F 63 -10.56 8.35 38.75
CA GLY F 63 -11.36 9.41 39.35
C GLY F 63 -10.62 10.74 39.31
N THR F 64 -9.39 10.76 39.84
CA THR F 64 -8.58 12.00 39.97
C THR F 64 -7.61 12.12 38.78
N TRP F 65 -8.11 11.88 37.57
CA TRP F 65 -7.25 11.83 36.39
C TRP F 65 -7.18 13.21 35.74
N ILE F 66 -5.95 13.74 35.65
CA ILE F 66 -5.69 15.13 35.28
C ILE F 66 -4.62 15.19 34.17
N TYR F 67 -4.45 14.09 33.43
CA TYR F 67 -3.36 13.97 32.45
C TYR F 67 -3.95 13.86 31.05
N SER F 68 -3.11 14.22 30.07
CA SER F 68 -3.52 14.46 28.69
C SER F 68 -4.28 13.26 28.11
N VAL F 69 -3.81 12.04 28.39
CA VAL F 69 -4.29 10.84 27.68
C VAL F 69 -5.64 10.38 28.25
N ASN F 70 -6.55 10.04 27.34
CA ASN F 70 -7.94 9.77 27.69
C ASN F 70 -8.03 8.53 28.59
N LYS F 71 -8.69 8.71 29.74
CA LYS F 71 -8.87 7.69 30.76
C LYS F 71 -9.75 6.53 30.25
N GLU F 72 -10.67 6.80 29.32
CA GLU F 72 -11.54 5.75 28.78
C GLU F 72 -10.72 4.83 27.86
N GLN F 73 -9.77 5.42 27.14
CA GLN F 73 -8.90 4.70 26.21
C GLN F 73 -7.93 3.82 27.00
N LEU F 74 -7.29 4.40 28.03
CA LEU F 74 -6.42 3.67 28.94
C LEU F 74 -7.14 2.44 29.51
N ALA F 75 -8.38 2.66 29.95
CA ALA F 75 -9.10 1.62 30.64
C ALA F 75 -9.48 0.51 29.66
N ARG F 76 -9.84 0.88 28.43
CA ARG F 76 -10.29 -0.08 27.44
C ARG F 76 -9.11 -0.96 27.00
N ALA F 77 -7.90 -0.40 27.06
CA ALA F 77 -6.65 -1.08 26.70
C ALA F 77 -6.09 -1.91 27.87
N GLY F 78 -6.86 -2.02 28.96
CA GLY F 78 -6.60 -2.94 30.06
C GLY F 78 -5.88 -2.29 31.24
N PHE F 79 -5.64 -0.97 31.15
CA PHE F 79 -4.87 -0.29 32.18
C PHE F 79 -5.80 0.23 33.30
N TYR F 80 -5.19 0.49 34.46
CA TYR F 80 -5.81 1.13 35.62
C TYR F 80 -4.72 1.96 36.31
N ALA F 81 -5.11 3.11 36.88
CA ALA F 81 -4.18 4.03 37.50
C ALA F 81 -3.78 3.53 38.90
N LEU F 82 -2.58 3.93 39.33
CA LEU F 82 -1.98 3.52 40.58
C LEU F 82 -2.03 4.65 41.61
N GLY F 83 -2.45 5.85 41.18
CA GLY F 83 -2.39 7.06 42.00
C GLY F 83 -0.96 7.36 42.42
N GLU F 84 -0.03 7.27 41.45
CA GLU F 84 1.38 7.53 41.69
C GLU F 84 1.91 8.33 40.48
N GLY F 85 1.23 9.44 40.17
CA GLY F 85 1.45 10.23 38.97
C GLY F 85 0.54 9.74 37.86
N ASP F 86 1.08 9.64 36.64
CA ASP F 86 0.34 9.10 35.47
C ASP F 86 0.62 7.59 35.29
N LYS F 87 1.30 6.95 36.25
CA LYS F 87 1.56 5.52 36.23
C LYS F 87 0.26 4.74 36.06
N VAL F 88 0.26 3.80 35.10
CA VAL F 88 -0.80 2.85 34.93
C VAL F 88 -0.18 1.48 34.72
N LYS F 89 -1.03 0.46 34.85
CA LYS F 89 -0.61 -0.90 34.90
C LYS F 89 -1.69 -1.74 34.23
N CYS F 90 -1.26 -2.75 33.45
CA CYS F 90 -2.21 -3.60 32.75
C CYS F 90 -2.67 -4.67 33.74
N PHE F 91 -3.99 -4.86 33.84
CA PHE F 91 -4.54 -5.82 34.77
C PHE F 91 -4.10 -7.25 34.41
N HIS F 92 -3.81 -7.49 33.13
CA HIS F 92 -3.56 -8.85 32.68
C HIS F 92 -2.07 -9.17 32.67
N CYS F 93 -1.27 -8.34 31.99
CA CYS F 93 0.17 -8.61 31.85
C CYS F 93 0.97 -8.01 33.02
N GLY F 94 0.35 -7.08 33.74
CA GLY F 94 1.01 -6.34 34.82
C GLY F 94 2.02 -5.32 34.31
N GLY F 95 2.01 -5.03 32.99
CA GLY F 95 2.94 -4.06 32.43
C GLY F 95 2.62 -2.66 32.90
N GLY F 96 3.66 -1.91 33.26
CA GLY F 96 3.48 -0.56 33.75
C GLY F 96 4.09 0.48 32.83
N LEU F 97 3.37 1.61 32.67
CA LEU F 97 3.71 2.69 31.75
C LEU F 97 3.58 4.06 32.47
N THR F 98 4.47 5.00 32.11
CA THR F 98 4.52 6.35 32.68
C THR F 98 4.99 7.36 31.63
N ASP F 99 4.89 8.65 31.97
CA ASP F 99 5.36 9.77 31.15
C ASP F 99 4.65 9.75 29.78
N TRP F 100 3.31 9.63 29.80
CA TRP F 100 2.51 9.67 28.61
C TRP F 100 2.62 11.05 27.94
N LYS F 101 2.55 11.07 26.61
CA LYS F 101 2.42 12.30 25.84
C LYS F 101 0.97 12.43 25.39
N PRO F 102 0.51 13.65 25.01
CA PRO F 102 -0.88 13.86 24.62
C PRO F 102 -1.40 13.05 23.42
N SER F 103 -0.55 12.86 22.41
CA SER F 103 -0.90 12.16 21.17
C SER F 103 -1.11 10.64 21.37
N GLU F 104 -0.43 10.06 22.38
CA GLU F 104 -0.05 8.63 22.40
C GLU F 104 -1.27 7.73 22.59
N ASP F 105 -1.27 6.59 21.90
CA ASP F 105 -2.37 5.63 21.93
C ASP F 105 -2.05 4.54 22.94
N PRO F 106 -2.93 4.33 23.95
CA PRO F 106 -2.74 3.25 24.92
C PRO F 106 -2.49 1.89 24.28
N TRP F 107 -3.33 1.52 23.31
CA TRP F 107 -3.22 0.26 22.65
C TRP F 107 -1.85 0.12 21.99
N GLU F 108 -1.39 1.19 21.34
CA GLU F 108 -0.13 1.13 20.64
C GLU F 108 1.00 0.93 21.64
N GLN F 109 0.97 1.69 22.72
CA GLN F 109 2.03 1.62 23.73
C GLN F 109 1.99 0.24 24.42
N HIS F 110 0.78 -0.29 24.62
CA HIS F 110 0.64 -1.60 25.20
C HIS F 110 1.39 -2.64 24.36
N ALA F 111 1.16 -2.60 23.05
CA ALA F 111 1.80 -3.49 22.10
C ALA F 111 3.31 -3.20 22.01
N LYS F 112 3.69 -1.91 22.05
CA LYS F 112 5.08 -1.56 21.86
C LYS F 112 5.95 -2.16 22.96
N TRP F 113 5.44 -2.13 24.19
CA TRP F 113 6.26 -2.42 25.39
C TRP F 113 5.98 -3.80 25.97
N TYR F 114 4.74 -4.29 25.81
CA TYR F 114 4.29 -5.50 26.43
C TYR F 114 3.50 -6.35 25.44
N PRO F 115 4.09 -6.75 24.30
CA PRO F 115 3.37 -7.46 23.25
C PRO F 115 2.91 -8.87 23.63
N GLY F 116 3.40 -9.34 24.78
CA GLY F 116 3.11 -10.67 25.27
C GLY F 116 1.74 -10.81 25.90
N CYS F 117 1.11 -9.69 26.28
CA CYS F 117 -0.17 -9.70 27.01
C CYS F 117 -1.25 -10.50 26.26
N LYS F 118 -1.96 -11.37 26.98
CA LYS F 118 -3.02 -12.20 26.39
C LYS F 118 -4.27 -11.35 26.15
N TYR F 119 -4.50 -10.36 27.02
CA TYR F 119 -5.64 -9.49 26.85
C TYR F 119 -5.48 -8.74 25.50
N LEU F 120 -4.31 -8.12 25.34
CA LEU F 120 -3.92 -7.44 24.10
C LEU F 120 -4.18 -8.36 22.90
N LEU F 121 -3.74 -9.62 22.99
CA LEU F 121 -3.87 -10.54 21.85
C LEU F 121 -5.35 -10.84 21.56
N GLU F 122 -6.14 -11.06 22.62
CA GLU F 122 -7.56 -11.34 22.44
C GLU F 122 -8.28 -10.12 21.85
N GLN F 123 -7.83 -8.92 22.23
CA GLN F 123 -8.52 -7.71 21.87
C GLN F 123 -8.13 -7.22 20.47
N LYS F 124 -6.85 -7.31 20.12
CA LYS F 124 -6.32 -6.62 18.93
C LYS F 124 -5.78 -7.58 17.87
N GLY F 125 -5.37 -8.79 18.28
CA GLY F 125 -4.96 -9.84 17.36
C GLY F 125 -3.49 -9.76 16.97
N GLN F 126 -3.00 -10.86 16.39
CA GLN F 126 -1.62 -11.10 16.04
C GLN F 126 -1.05 -9.94 15.20
N GLU F 127 -1.81 -9.61 14.14
CA GLU F 127 -1.35 -8.74 13.07
CA GLU F 127 -1.37 -8.73 13.07
C GLU F 127 -1.12 -7.34 13.66
N TYR F 128 -2.05 -6.89 14.52
CA TYR F 128 -1.94 -5.61 15.17
C TYR F 128 -0.63 -5.53 15.97
N ILE F 129 -0.35 -6.56 16.75
CA ILE F 129 0.80 -6.53 17.62
C ILE F 129 2.08 -6.55 16.78
N ASN F 130 2.17 -7.53 15.90
CA ASN F 130 3.34 -7.70 15.08
C ASN F 130 3.55 -6.45 14.21
N ASN F 131 2.44 -5.79 13.81
CA ASN F 131 2.54 -4.58 13.02
C ASN F 131 3.30 -3.51 13.83
N ILE F 132 2.95 -3.37 15.10
CA ILE F 132 3.58 -2.37 15.95
C ILE F 132 5.06 -2.66 16.07
N HIS F 133 5.44 -3.93 16.12
CA HIS F 133 6.84 -4.32 16.27
C HIS F 133 7.63 -4.13 15.00
N LEU F 134 7.02 -4.45 13.86
CA LEU F 134 7.72 -4.22 12.60
C LEU F 134 7.94 -2.71 12.42
N THR F 135 6.90 -1.94 12.71
CA THR F 135 6.96 -0.49 12.62
C THR F 135 8.14 0.01 13.47
N HIS F 136 8.22 -0.45 14.73
CA HIS F 136 9.28 -0.03 15.67
C HIS F 136 10.66 -0.42 15.12
N SER F 137 10.79 -1.65 14.61
CA SER F 137 12.04 -2.16 14.05
C SER F 137 12.54 -1.30 12.88
N LEU F 138 11.62 -0.81 12.04
CA LEU F 138 11.95 0.03 10.89
C LEU F 138 12.45 1.40 11.35
N GLU F 139 11.81 1.93 12.41
CA GLU F 139 12.19 3.19 13.03
C GLU F 139 13.64 3.12 13.49
N GLU F 140 14.01 2.05 14.22
CA GLU F 140 15.36 1.86 14.73
C GLU F 140 16.34 1.68 13.57
N CYS F 141 15.92 0.95 12.54
CA CYS F 141 16.75 0.65 11.37
C CYS F 141 17.09 1.93 10.60
N LEU F 142 16.06 2.75 10.33
CA LEU F 142 16.20 3.96 9.51
C LEU F 142 16.87 5.11 10.29
N VAL F 143 17.19 4.91 11.58
CA VAL F 143 18.09 5.83 12.32
C VAL F 143 19.56 5.42 12.04
N ARG F 144 20.01 4.33 12.68
CA ARG F 144 21.39 3.80 12.55
C ARG F 144 21.35 2.27 12.52
N THR G 44 5.87 32.99 -50.93
CA THR G 44 6.29 31.67 -51.50
C THR G 44 5.10 30.71 -51.51
N ASN G 45 4.49 30.44 -50.34
CA ASN G 45 3.31 29.58 -50.18
C ASN G 45 2.07 30.44 -49.89
N LEU G 46 1.56 31.07 -50.95
CA LEU G 46 0.44 31.97 -50.90
C LEU G 46 -0.83 31.19 -51.23
N PRO G 47 -2.00 31.57 -50.69
CA PRO G 47 -3.21 30.83 -50.96
C PRO G 47 -3.44 30.71 -52.48
N ARG G 48 -3.84 29.52 -52.90
CA ARG G 48 -4.14 29.21 -54.27
C ARG G 48 -5.42 29.95 -54.71
N ASN G 49 -6.29 30.31 -53.75
CA ASN G 49 -7.54 31.03 -54.01
C ASN G 49 -7.77 32.06 -52.90
N PRO G 50 -7.03 33.19 -52.91
CA PRO G 50 -7.07 34.15 -51.78
C PRO G 50 -8.46 34.73 -51.49
N SER G 51 -9.35 34.64 -52.47
CA SER G 51 -10.74 35.11 -52.33
C SER G 51 -11.52 34.27 -51.31
N MET G 52 -11.09 33.02 -51.06
CA MET G 52 -11.80 32.09 -50.18
C MET G 52 -11.06 31.92 -48.85
N ALA G 53 -10.18 32.86 -48.51
CA ALA G 53 -9.33 32.80 -47.32
C ALA G 53 -10.12 33.08 -46.03
N ASP G 54 -11.32 33.65 -46.16
CA ASP G 54 -12.19 33.97 -45.01
C ASP G 54 -13.19 32.82 -44.80
N TYR G 55 -13.44 32.49 -43.53
CA TYR G 55 -14.39 31.45 -43.15
C TYR G 55 -15.76 31.75 -43.78
N GLU G 56 -16.17 33.01 -43.71
CA GLU G 56 -17.49 33.50 -44.14
C GLU G 56 -17.68 33.25 -45.64
N ALA G 57 -16.65 33.61 -46.42
CA ALA G 57 -16.65 33.33 -47.86
C ALA G 57 -16.95 31.84 -48.09
N ARG G 58 -16.28 30.97 -47.29
CA ARG G 58 -16.30 29.55 -47.54
C ARG G 58 -17.69 28.98 -47.19
N ILE G 59 -18.21 29.29 -45.99
CA ILE G 59 -19.53 28.77 -45.55
C ILE G 59 -20.60 29.18 -46.57
N PHE G 60 -20.51 30.42 -47.08
CA PHE G 60 -21.47 30.94 -48.05
C PHE G 60 -21.69 29.92 -49.17
N THR G 61 -20.60 29.31 -49.64
CA THR G 61 -20.62 28.35 -50.77
C THR G 61 -21.49 27.12 -50.44
N PHE G 62 -21.71 26.82 -49.15
CA PHE G 62 -22.45 25.63 -48.72
C PHE G 62 -23.93 25.93 -48.46
N GLY G 63 -24.46 26.98 -49.12
CA GLY G 63 -25.88 27.32 -48.99
C GLY G 63 -26.77 26.11 -49.28
N THR G 64 -26.55 25.48 -50.44
CA THR G 64 -27.35 24.35 -50.94
C THR G 64 -26.70 23.01 -50.57
N TRP G 65 -26.24 22.88 -49.33
CA TRP G 65 -25.46 21.70 -48.91
C TRP G 65 -26.42 20.64 -48.34
N ILE G 66 -26.41 19.46 -48.96
CA ILE G 66 -27.39 18.39 -48.71
C ILE G 66 -26.69 17.05 -48.43
N TYR G 67 -25.43 17.10 -48.01
CA TYR G 67 -24.60 15.90 -47.87
C TYR G 67 -24.24 15.68 -46.39
N SER G 68 -23.87 14.43 -46.09
CA SER G 68 -23.73 13.94 -44.74
C SER G 68 -22.78 14.82 -43.90
N VAL G 69 -21.66 15.22 -44.49
CA VAL G 69 -20.56 15.81 -43.73
C VAL G 69 -20.84 17.30 -43.45
N ASN G 70 -20.56 17.69 -42.20
CA ASN G 70 -20.95 18.99 -41.68
C ASN G 70 -20.24 20.11 -42.45
N LYS G 71 -21.04 21.04 -42.98
CA LYS G 71 -20.57 22.17 -43.78
C LYS G 71 -19.71 23.14 -42.96
N GLU G 72 -19.95 23.25 -41.65
CA GLU G 72 -19.16 24.16 -40.80
C GLU G 72 -17.75 23.58 -40.59
N GLN G 73 -17.67 22.24 -40.53
CA GLN G 73 -16.40 21.54 -40.34
C GLN G 73 -15.58 21.63 -41.63
N LEU G 74 -16.20 21.35 -42.77
CA LEU G 74 -15.57 21.51 -44.09
C LEU G 74 -14.99 22.92 -44.24
N ALA G 75 -15.77 23.92 -43.86
CA ALA G 75 -15.37 25.30 -44.06
C ALA G 75 -14.19 25.65 -43.15
N ARG G 76 -14.22 25.14 -41.91
CA ARG G 76 -13.20 25.46 -40.92
C ARG G 76 -11.87 24.83 -41.33
N ALA G 77 -11.96 23.68 -42.04
CA ALA G 77 -10.81 22.92 -42.52
C ALA G 77 -10.27 23.48 -43.85
N GLY G 78 -10.82 24.62 -44.29
CA GLY G 78 -10.28 25.41 -45.40
C GLY G 78 -10.99 25.14 -46.72
N PHE G 79 -12.01 24.28 -46.70
CA PHE G 79 -12.68 23.87 -47.92
C PHE G 79 -13.83 24.83 -48.23
N TYR G 80 -14.23 24.81 -49.51
CA TYR G 80 -15.41 25.53 -50.02
C TYR G 80 -15.97 24.66 -51.16
N ALA G 81 -17.32 24.67 -51.29
CA ALA G 81 -18.00 23.80 -52.24
C ALA G 81 -17.90 24.41 -53.64
N LEU G 82 -17.98 23.53 -54.65
CA LEU G 82 -17.86 23.92 -56.04
C LEU G 82 -19.23 23.92 -56.73
N GLY G 83 -20.27 23.44 -56.03
CA GLY G 83 -21.59 23.21 -56.60
C GLY G 83 -21.53 22.20 -57.74
N GLU G 84 -20.78 21.12 -57.55
CA GLU G 84 -20.60 20.09 -58.55
C GLU G 84 -20.62 18.74 -57.85
N GLY G 85 -21.71 18.50 -57.11
CA GLY G 85 -21.84 17.35 -56.22
C GLY G 85 -21.37 17.70 -54.82
N ASP G 86 -20.66 16.77 -54.17
CA ASP G 86 -20.06 17.02 -52.84
C ASP G 86 -18.59 17.46 -52.96
N LYS G 87 -18.13 17.74 -54.18
CA LYS G 87 -16.77 18.25 -54.43
C LYS G 87 -16.51 19.51 -53.62
N VAL G 88 -15.37 19.51 -52.92
CA VAL G 88 -14.86 20.69 -52.24
C VAL G 88 -13.37 20.79 -52.54
N LYS G 89 -12.83 21.97 -52.23
CA LYS G 89 -11.51 22.34 -52.61
C LYS G 89 -10.93 23.22 -51.50
N CYS G 90 -9.65 23.02 -51.19
CA CYS G 90 -9.01 23.81 -50.15
C CYS G 90 -8.58 25.15 -50.78
N PHE G 91 -8.92 26.25 -50.09
CA PHE G 91 -8.60 27.56 -50.60
C PHE G 91 -7.08 27.77 -50.66
N HIS G 92 -6.34 27.06 -49.80
CA HIS G 92 -4.92 27.32 -49.68
C HIS G 92 -4.10 26.37 -50.57
N CYS G 93 -4.30 25.05 -50.44
CA CYS G 93 -3.49 24.08 -51.16
C CYS G 93 -4.11 23.74 -52.52
N GLY G 94 -5.39 24.08 -52.70
CA GLY G 94 -6.14 23.72 -53.90
C GLY G 94 -6.51 22.25 -53.97
N GLY G 95 -6.33 21.50 -52.88
CA GLY G 95 -6.61 20.06 -52.89
C GLY G 95 -8.12 19.84 -52.96
N GLY G 96 -8.53 18.89 -53.79
CA GLY G 96 -9.95 18.61 -54.00
C GLY G 96 -10.33 17.23 -53.51
N LEU G 97 -11.52 17.15 -52.88
CA LEU G 97 -12.03 15.95 -52.23
C LEU G 97 -13.50 15.71 -52.63
N THR G 98 -13.86 14.42 -52.79
CA THR G 98 -15.22 14.00 -53.18
C THR G 98 -15.56 12.66 -52.51
N ASP G 99 -16.83 12.26 -52.62
CA ASP G 99 -17.35 10.97 -52.13
C ASP G 99 -17.12 10.86 -50.62
N TRP G 100 -17.52 11.89 -49.88
CA TRP G 100 -17.42 11.87 -48.41
C TRP G 100 -18.32 10.77 -47.83
N LYS G 101 -17.91 10.18 -46.71
CA LYS G 101 -18.79 9.32 -45.89
C LYS G 101 -19.24 10.11 -44.67
N PRO G 102 -20.33 9.72 -43.99
CA PRO G 102 -20.87 10.50 -42.87
C PRO G 102 -19.94 10.72 -41.66
N SER G 103 -19.18 9.67 -41.30
CA SER G 103 -18.32 9.68 -40.11
C SER G 103 -17.08 10.57 -40.31
N GLU G 104 -16.65 10.74 -41.58
CA GLU G 104 -15.28 11.15 -41.93
C GLU G 104 -15.05 12.64 -41.57
N ASP G 105 -13.84 12.92 -41.08
CA ASP G 105 -13.46 14.23 -40.57
C ASP G 105 -12.74 15.01 -41.68
N PRO G 106 -13.22 16.22 -42.01
CA PRO G 106 -12.55 17.09 -42.98
C PRO G 106 -11.05 17.25 -42.74
N TRP G 107 -10.71 17.59 -41.50
CA TRP G 107 -9.35 17.81 -41.10
C TRP G 107 -8.52 16.55 -41.36
N GLU G 108 -9.06 15.39 -41.01
CA GLU G 108 -8.33 14.15 -41.16
C GLU G 108 -8.05 13.90 -42.64
N GLN G 109 -9.10 14.06 -43.45
CA GLN G 109 -8.99 13.78 -44.87
C GLN G 109 -8.04 14.80 -45.52
N HIS G 110 -8.09 16.05 -45.05
CA HIS G 110 -7.21 17.08 -45.55
C HIS G 110 -5.76 16.63 -45.36
N ALA G 111 -5.43 16.16 -44.15
CA ALA G 111 -4.11 15.68 -43.80
C ALA G 111 -3.77 14.39 -44.57
N LYS G 112 -4.74 13.50 -44.70
CA LYS G 112 -4.47 12.21 -45.32
C LYS G 112 -4.01 12.39 -46.76
N TRP G 113 -4.64 13.32 -47.48
CA TRP G 113 -4.50 13.43 -48.95
C TRP G 113 -3.60 14.58 -49.38
N TYR G 114 -3.57 15.65 -48.58
CA TYR G 114 -2.88 16.87 -48.93
C TYR G 114 -2.11 17.41 -47.73
N PRO G 115 -1.17 16.64 -47.16
CA PRO G 115 -0.47 17.02 -45.93
C PRO G 115 0.45 18.23 -46.10
N GLY G 116 0.66 18.64 -47.35
CA GLY G 116 1.54 19.73 -47.68
C GLY G 116 0.95 21.10 -47.46
N CYS G 117 -0.38 21.21 -47.30
CA CYS G 117 -1.09 22.50 -47.15
C CYS G 117 -0.52 23.33 -45.99
N LYS G 118 -0.26 24.61 -46.23
CA LYS G 118 0.25 25.52 -45.20
C LYS G 118 -0.84 25.87 -44.20
N TYR G 119 -2.08 25.98 -44.69
CA TYR G 119 -3.18 26.32 -43.82
C TYR G 119 -3.34 25.18 -42.79
N LEU G 120 -3.41 23.95 -43.29
CA LEU G 120 -3.47 22.75 -42.46
C LEU G 120 -2.36 22.79 -41.40
N LEU G 121 -1.13 23.12 -41.80
CA LEU G 121 -0.02 23.11 -40.89
C LEU G 121 -0.16 24.19 -39.82
N GLU G 122 -0.61 25.39 -40.22
CA GLU G 122 -0.80 26.49 -39.27
C GLU G 122 -1.93 26.13 -38.30
N GLN G 123 -2.95 25.41 -38.78
CA GLN G 123 -4.14 25.16 -38.01
C GLN G 123 -3.96 23.96 -37.07
N LYS G 124 -3.30 22.89 -37.53
CA LYS G 124 -3.31 21.60 -36.81
C LYS G 124 -1.93 21.17 -36.33
N GLY G 125 -0.87 21.66 -36.98
CA GLY G 125 0.50 21.40 -36.54
C GLY G 125 1.07 20.08 -37.05
N GLN G 126 2.40 19.98 -36.96
CA GLN G 126 3.20 18.90 -37.49
C GLN G 126 2.69 17.54 -37.00
N GLU G 127 2.50 17.45 -35.67
CA GLU G 127 2.23 16.20 -34.99
C GLU G 127 0.91 15.60 -35.50
N TYR G 128 -0.09 16.46 -35.65
CA TYR G 128 -1.37 16.07 -36.15
C TYR G 128 -1.24 15.45 -37.54
N ILE G 129 -0.50 16.13 -38.42
CA ILE G 129 -0.42 15.67 -39.80
C ILE G 129 0.34 14.35 -39.83
N ASN G 130 1.53 14.34 -39.23
CA ASN G 130 2.40 13.20 -39.23
C ASN G 130 1.67 12.03 -38.55
N ASN G 131 0.83 12.32 -37.55
CA ASN G 131 0.09 11.26 -36.87
C ASN G 131 -0.79 10.53 -37.89
N ILE G 132 -1.50 11.30 -38.70
CA ILE G 132 -2.41 10.73 -39.68
C ILE G 132 -1.63 9.81 -40.63
N HIS G 133 -0.42 10.24 -41.01
CA HIS G 133 0.38 9.48 -41.97
CA HIS G 133 0.39 9.50 -41.99
C HIS G 133 0.99 8.23 -41.35
N LEU G 134 1.44 8.31 -40.10
CA LEU G 134 2.01 7.14 -39.45
C LEU G 134 0.90 6.12 -39.25
N THR G 135 -0.29 6.58 -38.86
CA THR G 135 -1.43 5.71 -38.68
C THR G 135 -1.65 4.92 -39.99
N HIS G 136 -1.70 5.65 -41.12
CA HIS G 136 -1.93 5.06 -42.44
C HIS G 136 -0.81 4.05 -42.79
N SER G 137 0.44 4.43 -42.52
CA SER G 137 1.64 3.61 -42.78
C SER G 137 1.58 2.27 -42.03
N LEU G 138 1.05 2.28 -40.80
CA LEU G 138 0.93 1.06 -39.99
C LEU G 138 -0.15 0.14 -40.59
N GLU G 139 -1.24 0.74 -41.06
CA GLU G 139 -2.31 0.03 -41.74
C GLU G 139 -1.76 -0.73 -42.96
N GLU G 140 -0.98 -0.06 -43.80
CA GLU G 140 -0.36 -0.66 -45.00
C GLU G 140 0.64 -1.74 -44.59
N CYS G 141 1.40 -1.50 -43.51
CA CYS G 141 2.41 -2.44 -43.01
C CYS G 141 1.75 -3.74 -42.54
N LEU G 142 0.70 -3.60 -41.73
CA LEU G 142 -0.03 -4.74 -41.13
C LEU G 142 -0.86 -5.47 -42.19
N VAL G 143 -0.98 -4.84 -43.36
CA VAL G 143 -1.63 -5.42 -44.54
C VAL G 143 -0.57 -5.59 -45.65
N THR H 44 20.65 -27.54 50.93
CA THR H 44 21.46 -26.29 50.63
C THR H 44 20.52 -25.08 50.52
N ASN H 45 19.51 -25.15 49.63
CA ASN H 45 18.35 -24.21 49.63
C ASN H 45 17.10 -24.87 50.20
N LEU H 46 17.13 -25.16 51.50
CA LEU H 46 16.08 -25.83 52.23
C LEU H 46 15.20 -24.75 52.87
N PRO H 47 13.90 -25.01 53.11
CA PRO H 47 13.04 -23.99 53.71
C PRO H 47 13.66 -23.50 55.03
N ARG H 48 13.66 -22.18 55.21
CA ARG H 48 14.22 -21.54 56.38
C ARG H 48 13.30 -21.81 57.58
N ASN H 49 12.02 -22.12 57.32
CA ASN H 49 11.03 -22.42 58.37
C ASN H 49 10.13 -23.54 57.89
N PRO H 50 10.60 -24.81 57.85
CA PRO H 50 9.83 -25.91 57.25
C PRO H 50 8.47 -26.16 57.91
N SER H 51 8.28 -25.64 59.13
CA SER H 51 7.02 -25.74 59.84
C SER H 51 5.90 -24.94 59.14
N MET H 52 6.27 -23.94 58.34
CA MET H 52 5.30 -23.03 57.69
C MET H 52 5.22 -23.33 56.18
N ALA H 53 5.64 -24.53 55.77
CA ALA H 53 5.71 -24.93 54.36
C ALA H 53 4.31 -25.24 53.79
N ASP H 54 3.32 -25.45 54.66
CA ASP H 54 1.93 -25.71 54.24
C ASP H 54 1.14 -24.40 54.22
N TYR H 55 0.28 -24.27 53.21
CA TYR H 55 -0.59 -23.10 53.05
C TYR H 55 -1.41 -22.89 54.33
N GLU H 56 -1.96 -23.99 54.88
CA GLU H 56 -2.87 -23.99 56.03
C GLU H 56 -2.15 -23.42 57.26
N ALA H 57 -0.93 -23.89 57.51
CA ALA H 57 -0.10 -23.34 58.57
C ALA H 57 -0.02 -21.80 58.44
N ARG H 58 0.19 -21.33 57.21
CA ARG H 58 0.49 -19.93 56.97
C ARG H 58 -0.77 -19.08 57.19
N ILE H 59 -1.90 -19.47 56.58
CA ILE H 59 -3.18 -18.70 56.72
C ILE H 59 -3.55 -18.59 58.19
N PHE H 60 -3.34 -19.67 58.95
CA PHE H 60 -3.66 -19.72 60.39
C PHE H 60 -3.08 -18.47 61.07
N THR H 61 -1.85 -18.12 60.73
CA THR H 61 -1.13 -17.00 61.36
C THR H 61 -1.86 -15.66 61.14
N PHE H 62 -2.71 -15.56 60.12
CA PHE H 62 -3.40 -14.31 59.78
C PHE H 62 -4.80 -14.24 60.42
N GLY H 63 -4.99 -14.95 61.55
CA GLY H 63 -6.20 -14.86 62.35
C GLY H 63 -6.56 -13.41 62.64
N THR H 64 -5.61 -12.65 63.21
CA THR H 64 -5.86 -11.27 63.70
C THR H 64 -5.45 -10.24 62.62
N TRP H 65 -5.76 -10.53 61.35
CA TRP H 65 -5.27 -9.73 60.24
C TRP H 65 -6.28 -8.61 59.91
N ILE H 66 -5.80 -7.36 60.01
CA ILE H 66 -6.61 -6.15 59.95
C ILE H 66 -6.04 -5.14 58.94
N TYR H 67 -5.23 -5.63 58.00
CA TYR H 67 -4.49 -4.76 57.08
C TYR H 67 -4.99 -4.97 55.65
N SER H 68 -4.74 -3.95 54.82
CA SER H 68 -5.35 -3.82 53.49
C SER H 68 -5.12 -5.07 52.64
N VAL H 69 -3.89 -5.62 52.68
CA VAL H 69 -3.48 -6.63 51.72
C VAL H 69 -4.03 -8.01 52.10
N ASN H 70 -4.54 -8.70 51.08
CA ASN H 70 -5.29 -9.92 51.25
C ASN H 70 -4.40 -11.02 51.86
N LYS H 71 -4.88 -11.60 52.96
CA LYS H 71 -4.18 -12.61 53.73
C LYS H 71 -4.04 -13.92 52.92
N GLU H 72 -4.98 -14.21 52.02
CA GLU H 72 -4.91 -15.44 51.21
C GLU H 72 -3.78 -15.31 50.18
N GLN H 73 -3.59 -14.08 49.67
CA GLN H 73 -2.57 -13.79 48.66
C GLN H 73 -1.18 -13.86 49.32
N LEU H 74 -1.04 -13.20 50.48
CA LEU H 74 0.19 -13.26 51.27
C LEU H 74 0.58 -14.72 51.53
N ALA H 75 -0.38 -15.53 51.91
CA ALA H 75 -0.10 -16.88 52.31
C ALA H 75 0.31 -17.71 51.09
N ARG H 76 -0.34 -17.47 49.96
CA ARG H 76 -0.08 -18.25 48.74
C ARG H 76 1.33 -17.92 48.22
N ALA H 77 1.79 -16.68 48.47
CA ALA H 77 3.11 -16.19 48.07
C ALA H 77 4.21 -16.59 49.06
N GLY H 78 3.85 -17.44 50.04
CA GLY H 78 4.79 -18.10 50.93
C GLY H 78 4.95 -17.40 52.28
N PHE H 79 4.21 -16.32 52.49
CA PHE H 79 4.37 -15.52 53.70
C PHE H 79 3.48 -16.04 54.82
N TYR H 80 3.84 -15.66 56.06
CA TYR H 80 3.08 -15.90 57.28
C TYR H 80 3.35 -14.71 58.22
N ALA H 81 2.34 -14.33 58.99
CA ALA H 81 2.41 -13.14 59.86
C ALA H 81 3.18 -13.48 61.13
N LEU H 82 3.79 -12.44 61.70
CA LEU H 82 4.63 -12.54 62.88
C LEU H 82 3.90 -12.00 64.12
N GLY H 83 2.71 -11.42 63.91
CA GLY H 83 1.95 -10.77 64.97
C GLY H 83 2.71 -9.61 65.57
N GLU H 84 3.35 -8.80 64.72
CA GLU H 84 4.15 -7.68 65.15
C GLU H 84 3.91 -6.54 64.14
N GLY H 85 2.64 -6.17 64.01
CA GLY H 85 2.19 -5.23 62.98
C GLY H 85 1.78 -5.97 61.73
N ASP H 86 2.14 -5.43 60.56
CA ASP H 86 1.87 -6.08 59.26
C ASP H 86 3.10 -6.87 58.77
N LYS H 87 4.12 -7.01 59.63
CA LYS H 87 5.31 -7.82 59.33
C LYS H 87 4.91 -9.24 58.92
N VAL H 88 5.47 -9.69 57.79
CA VAL H 88 5.36 -11.06 57.35
C VAL H 88 6.74 -11.52 56.89
N LYS H 89 6.86 -12.83 56.74
CA LYS H 89 8.12 -13.49 56.49
C LYS H 89 7.86 -14.68 55.58
N CYS H 90 8.77 -14.89 54.62
CA CYS H 90 8.62 -16.01 53.70
C CYS H 90 9.15 -17.25 54.39
N PHE H 91 8.37 -18.33 54.34
CA PHE H 91 8.74 -19.57 55.01
C PHE H 91 9.99 -20.15 54.37
N HIS H 92 10.22 -19.86 53.09
CA HIS H 92 11.31 -20.49 52.39
C HIS H 92 12.59 -19.65 52.43
N CYS H 93 12.52 -18.39 51.99
CA CYS H 93 13.72 -17.55 51.89
C CYS H 93 13.99 -16.81 53.20
N GLY H 94 12.97 -16.74 54.07
CA GLY H 94 13.04 -15.99 55.31
C GLY H 94 12.97 -14.49 55.11
N GLY H 95 12.63 -14.03 53.91
CA GLY H 95 12.56 -12.59 53.63
C GLY H 95 11.38 -11.96 54.35
N GLY H 96 11.64 -10.80 54.94
CA GLY H 96 10.65 -10.11 55.74
C GLY H 96 10.24 -8.79 55.12
N LEU H 97 8.93 -8.51 55.16
CA LEU H 97 8.28 -7.37 54.50
C LEU H 97 7.32 -6.68 55.49
N THR H 98 7.24 -5.34 55.38
CA THR H 98 6.39 -4.49 56.22
C THR H 98 5.89 -3.29 55.41
N ASP H 99 4.96 -2.53 56.01
CA ASP H 99 4.44 -1.27 55.46
C ASP H 99 3.77 -1.51 54.11
N TRP H 100 2.90 -2.53 54.04
CA TRP H 100 2.17 -2.84 52.83
C TRP H 100 1.22 -1.70 52.48
N LYS H 101 1.03 -1.47 51.17
CA LYS H 101 0.02 -0.56 50.65
C LYS H 101 -1.14 -1.40 50.12
N PRO H 102 -2.35 -0.83 49.95
CA PRO H 102 -3.51 -1.60 49.50
C PRO H 102 -3.40 -2.26 48.12
N SER H 103 -2.78 -1.56 47.17
CA SER H 103 -2.66 -2.04 45.77
C SER H 103 -1.70 -3.24 45.64
N GLU H 104 -0.71 -3.33 46.54
CA GLU H 104 0.54 -4.06 46.32
C GLU H 104 0.33 -5.58 46.27
N ASP H 105 1.04 -6.24 45.34
CA ASP H 105 0.94 -7.67 45.11
C ASP H 105 2.04 -8.39 45.91
N PRO H 106 1.67 -9.35 46.78
CA PRO H 106 2.65 -10.15 47.52
C PRO H 106 3.74 -10.76 46.63
N TRP H 107 3.31 -11.40 45.55
CA TRP H 107 4.20 -12.05 44.63
C TRP H 107 5.19 -11.04 44.05
N GLU H 108 4.70 -9.86 43.67
CA GLU H 108 5.54 -8.87 43.06
C GLU H 108 6.58 -8.41 44.07
N GLN H 109 6.14 -8.13 45.29
CA GLN H 109 7.04 -7.61 46.32
C GLN H 109 8.06 -8.70 46.68
N HIS H 110 7.61 -9.96 46.70
CA HIS H 110 8.49 -11.06 47.01
C HIS H 110 9.66 -11.06 46.00
N ALA H 111 9.32 -10.94 44.72
CA ALA H 111 10.29 -10.91 43.63
C ALA H 111 11.14 -9.63 43.69
N LYS H 112 10.51 -8.49 44.00
CA LYS H 112 11.23 -7.24 43.98
C LYS H 112 12.38 -7.24 45.01
N TRP H 113 12.13 -7.82 46.18
CA TRP H 113 13.01 -7.67 47.36
C TRP H 113 13.86 -8.92 47.62
N TYR H 114 13.33 -10.09 47.28
CA TYR H 114 13.93 -11.35 47.60
C TYR H 114 13.86 -12.30 46.40
N PRO H 115 14.44 -11.92 45.25
CA PRO H 115 14.31 -12.71 44.02
C PRO H 115 15.02 -14.07 44.08
N GLY H 116 15.82 -14.27 45.13
CA GLY H 116 16.57 -15.48 45.32
C GLY H 116 15.76 -16.67 45.79
N CYS H 117 14.57 -16.44 46.36
CA CYS H 117 13.72 -17.51 46.95
C CYS H 117 13.45 -18.66 45.98
N LYS H 118 13.64 -19.91 46.43
CA LYS H 118 13.40 -21.10 45.62
C LYS H 118 11.90 -21.33 45.45
N TYR H 119 11.12 -21.01 46.49
CA TYR H 119 9.69 -21.19 46.42
C TYR H 119 9.15 -20.29 45.31
N LEU H 120 9.52 -19.00 45.36
CA LEU H 120 9.17 -18.01 44.34
C LEU H 120 9.52 -18.56 42.95
N LEU H 121 10.71 -19.12 42.79
CA LEU H 121 11.17 -19.59 41.49
C LEU H 121 10.32 -20.78 41.03
N GLU H 122 10.00 -21.70 41.94
CA GLU H 122 9.19 -22.86 41.58
C GLU H 122 7.78 -22.42 41.21
N GLN H 123 7.28 -21.37 41.89
CA GLN H 123 5.90 -20.96 41.76
C GLN H 123 5.71 -20.05 40.53
N LYS H 124 6.65 -19.14 40.25
CA LYS H 124 6.42 -18.06 39.28
C LYS H 124 7.38 -18.12 38.09
N GLY H 125 8.55 -18.74 38.27
CA GLY H 125 9.53 -18.94 37.19
C GLY H 125 10.47 -17.75 36.99
N GLN H 126 11.56 -18.02 36.26
CA GLN H 126 12.65 -17.12 36.00
C GLN H 126 12.15 -15.79 35.45
N GLU H 127 11.30 -15.91 34.42
CA GLU H 127 10.92 -14.81 33.55
C GLU H 127 10.13 -13.80 34.40
N TYR H 128 9.23 -14.31 35.25
CA TYR H 128 8.45 -13.48 36.14
C TYR H 128 9.38 -12.63 37.02
N ILE H 129 10.38 -13.27 37.62
CA ILE H 129 11.23 -12.58 38.57
C ILE H 129 12.07 -11.55 37.80
N ASN H 130 12.76 -12.02 36.77
CA ASN H 130 13.64 -11.17 35.98
C ASN H 130 12.83 -10.04 35.36
N ASN H 131 11.57 -10.28 35.03
CA ASN H 131 10.72 -9.24 34.46
C ASN H 131 10.60 -8.09 35.47
N ILE H 132 10.32 -8.44 36.73
CA ILE H 132 10.16 -7.43 37.76
C ILE H 132 11.43 -6.58 37.84
N HIS H 133 12.61 -7.23 37.73
CA HIS H 133 13.87 -6.54 37.90
C HIS H 133 14.23 -5.70 36.69
N LEU H 134 13.96 -6.21 35.48
CA LEU H 134 14.26 -5.48 34.28
C LEU H 134 13.37 -4.25 34.20
N THR H 135 12.13 -4.34 34.67
CA THR H 135 11.27 -3.19 34.69
C THR H 135 11.99 -1.98 35.30
N HIS H 136 12.55 -2.16 36.50
CA HIS H 136 13.29 -1.12 37.22
C HIS H 136 14.47 -0.58 36.40
N SER H 137 15.25 -1.51 35.81
CA SER H 137 16.44 -1.19 35.01
C SER H 137 16.08 -0.30 33.80
N LEU H 138 14.92 -0.56 33.19
CA LEU H 138 14.47 0.20 32.03
C LEU H 138 14.07 1.62 32.44
N GLU H 139 13.44 1.73 33.62
CA GLU H 139 13.07 3.02 34.22
C GLU H 139 14.32 3.89 34.38
N GLU H 140 15.39 3.33 34.96
CA GLU H 140 16.64 4.06 35.19
C GLU H 140 17.29 4.42 33.86
N CYS H 141 17.23 3.49 32.88
CA CYS H 141 17.82 3.69 31.55
C CYS H 141 17.16 4.88 30.82
N LEU H 142 15.83 4.85 30.66
CA LEU H 142 15.13 5.90 29.86
C LEU H 142 14.47 6.85 30.86
ZN ZN I . 4.49 13.09 -16.10
CAC C3T J . 10.20 5.82 -7.32
CBI C3T J . 10.89 6.85 -8.24
CAD C3T J . 11.65 7.80 -7.31
CAE C3T J . 9.86 7.76 -8.92
CBB C3T J . 11.68 6.23 -9.24
CAM C3T J . 12.96 6.60 -9.59
CAK C3T J . 13.66 5.90 -10.60
CAL C3T J . 11.14 5.16 -9.99
CAJ C3T J . 11.81 4.47 -11.00
CBA C3T J . 13.10 4.84 -11.32
CAP C3T J . 13.81 4.11 -12.31
NAV C3T J . 13.07 4.24 -13.58
CAY C3T J . 13.05 3.30 -14.55
OAG C3T J . 13.65 2.23 -14.48
CBG C3T J . 12.23 3.66 -15.68
NBH C3T J . 12.95 3.45 -16.93
CAZ C3T J . 14.08 3.97 -17.35
OAH C3T J . 14.61 4.80 -16.61
CAT C3T J . 11.06 2.75 -15.72
CAS C3T J . 10.83 2.63 -17.20
CBE C3T J . 12.18 2.59 -17.80
CAR C3T J . 12.69 1.19 -17.93
CAQ C3T J . 14.22 1.15 -18.01
CBD C3T J . 14.86 2.14 -19.00
CAO C3T J . 16.32 1.73 -19.20
OAI C3T J . 16.98 2.08 -18.00
CBF C3T J . 14.63 3.71 -18.61
NAW C3T J . 15.76 4.62 -18.85
C C3T J . 15.91 5.06 -20.08
O C3T J . 15.19 4.63 -20.97
CA C3T J . 16.90 6.19 -20.37
CB C3T J . 16.02 7.42 -20.60
CAA C3T J . 16.01 8.08 -19.26
N C3T J . 17.62 5.97 -21.58
CAB C3T J . 18.11 4.59 -21.64
ZN ZN K . -8.97 7.70 -27.63
CAC C3T L . -8.25 5.26 -40.41
CBI C3T L . -8.72 4.65 -39.06
CAD C3T L . -10.26 4.56 -39.08
CAE C3T L . -8.30 5.63 -37.95
CBB C3T L . -8.11 3.38 -38.81
CAM C3T L . -8.79 2.14 -38.73
CAK C3T L . -8.09 0.96 -38.46
CAL C3T L . -6.71 3.37 -38.62
CAJ C3T L . -6.01 2.20 -38.35
CBA C3T L . -6.68 1.00 -38.26
CAP C3T L . -5.97 -0.14 -37.98
NAV C3T L . -5.26 0.09 -36.68
CAY C3T L . -4.38 -0.79 -36.18
OAG C3T L . -4.04 -1.81 -36.78
CBG C3T L . -3.80 -0.50 -34.92
NBH C3T L . -3.56 -1.78 -34.08
CAZ C3T L . -4.39 -2.84 -33.80
OAH C3T L . -5.54 -2.85 -34.27
CAT C3T L . -2.44 0.08 -35.18
CAS C3T L . -1.74 -0.20 -33.86
CBE C3T L . -2.16 -1.61 -33.47
CAR C3T L . -1.10 -2.57 -33.88
CAQ C3T L . -1.84 -3.73 -34.57
CBD C3T L . -2.71 -4.62 -33.61
CAO C3T L . -3.09 -5.85 -34.40
OAI C3T L . -2.28 -6.77 -33.71
CBF C3T L . -3.95 -3.92 -33.01
NAW C3T L . -4.97 -4.96 -32.65
C C3T L . -4.81 -5.66 -31.48
O C3T L . -3.82 -5.56 -30.74
CA C3T L . -5.89 -6.67 -31.11
CB C3T L . -7.08 -6.05 -30.41
CAA C3T L . -7.23 -4.60 -30.77
N C3T L . -5.33 -7.69 -30.20
CAB C3T L . -4.54 -8.70 -30.93
ZN ZN M . -4.69 5.24 6.25
CAC C3T N . 5.73 1.73 16.76
CBI C3T N . 5.00 3.05 17.10
CAD C3T N . 5.57 3.45 18.47
CAE C3T N . 3.49 2.80 17.31
CBB C3T N . 5.24 4.11 16.10
CAM C3T N . 4.26 4.90 15.49
CAK C3T N . 4.54 5.92 14.58
CAL C3T N . 6.54 4.44 15.72
CAJ C3T N . 6.82 5.45 14.82
CBA C3T N . 5.84 6.20 14.21
CAP C3T N . 6.17 7.20 13.30
NAV C3T N . 6.22 6.64 11.91
CAY C3T N . 7.35 6.32 11.17
OAG C3T N . 8.53 6.42 11.55
CBG C3T N . 7.11 5.87 9.83
NBH C3T N . 8.21 6.33 8.96
CAZ C3T N . 8.50 7.58 8.65
OAH C3T N . 7.76 8.49 9.11
CAT C3T N . 7.05 4.37 9.69
CAS C3T N . 8.51 4.08 9.44
CBE C3T N . 8.98 5.18 8.48
CAR C3T N . 10.52 5.32 8.51
CAQ C3T N . 10.98 6.54 9.38
CBD C3T N . 10.90 7.88 8.55
CAO C3T N . 10.97 9.11 9.46
OAI C3T N . 12.32 9.59 9.51
CBF C3T N . 9.58 7.90 7.81
NAW C3T N . 9.35 9.15 7.13
C C3T N . 9.90 9.38 5.96
O C3T N . 10.71 8.62 5.41
CA C3T N . 9.43 10.66 5.36
CB C3T N . 7.96 10.45 5.02
CAA C3T N . 7.19 11.60 5.70
N C3T N . 10.22 10.94 4.18
CAB C3T N . 11.33 11.78 4.61
ZN ZN O . -5.59 -8.11 -6.96
CAC C3T P . 0.06 -9.25 -19.34
CBI C3T P . -0.23 -9.16 -17.82
CAD C3T P . -1.09 -10.33 -17.42
CAE C3T P . -1.10 -7.92 -17.50
CBB C3T P . 1.03 -9.23 -17.12
CAM C3T P . 1.89 -10.29 -17.39
CAK C3T P . 3.12 -10.37 -16.73
CAL C3T P . 1.46 -8.27 -16.18
CAJ C3T P . 2.70 -8.36 -15.52
CBA C3T P . 3.55 -9.44 -15.77
CAP C3T P . 4.79 -9.60 -15.17
NAV C3T P . 4.70 -9.42 -13.72
CAY C3T P . 5.70 -8.93 -12.96
OAG C3T P . 6.80 -8.62 -13.39
CBG C3T P . 5.45 -8.81 -11.60
NBH C3T P . 6.60 -9.27 -10.75
CAZ C3T P . 6.88 -10.52 -10.47
OAH C3T P . 6.17 -11.35 -11.06
CAT C3T P . 5.14 -7.36 -11.19
CAS C3T P . 6.54 -6.94 -10.74
CBE C3T P . 7.20 -8.12 -10.04
CAR C3T P . 8.73 -8.01 -10.03
CAQ C3T P . 9.42 -9.24 -10.69
CBD C3T P . 9.27 -10.59 -9.96
CAO C3T P . 9.80 -11.66 -10.86
OAI C3T P . 10.77 -12.31 -10.00
CBF C3T P . 7.85 -10.92 -9.53
NAW C3T P . 7.69 -12.36 -9.21
C C3T P . 7.97 -12.91 -8.00
O C3T P . 8.36 -12.30 -7.04
CA C3T P . 7.70 -14.43 -7.86
CB C3T P . 6.38 -14.51 -7.11
CAA C3T P . 5.32 -14.59 -8.21
N C3T P . 8.78 -15.12 -7.14
CAB C3T P . 10.01 -14.95 -7.96
ZN ZN Q . 3.98 -17.97 15.50
CAC C3T R . 7.64 -9.92 2.19
CBI C3T R . 7.77 -11.44 2.09
CAD C3T R . 8.28 -11.80 0.71
CAE C3T R . 6.33 -11.99 2.25
CBB C3T R . 8.74 -12.02 3.02
CAM C3T R . 8.63 -13.33 3.49
CAK C3T R . 9.57 -13.88 4.37
CAL C3T R . 9.86 -11.31 3.47
CAJ C3T R . 10.78 -11.85 4.36
CBA C3T R . 10.65 -13.14 4.84
CAP C3T R . 11.59 -13.73 5.67
NAV C3T R . 11.70 -13.13 7.01
CAY C3T R . 12.58 -12.16 7.40
OAG C3T R . 13.39 -11.54 6.69
CBG C3T R . 12.52 -11.90 8.78
NBH C3T R . 13.81 -11.51 9.36
CAZ C3T R . 14.88 -12.26 9.56
OAH C3T R . 14.83 -13.41 9.12
CAT C3T R . 11.49 -10.79 9.13
CAS C3T R . 12.41 -9.61 9.29
CBE C3T R . 13.64 -10.15 9.96
CAR C3T R . 14.82 -9.21 9.74
CAQ C3T R . 15.82 -9.86 8.74
CBD C3T R . 16.82 -10.75 9.53
CAO C3T R . 17.85 -11.45 8.62
OAI C3T R . 18.65 -10.44 8.01
CBF C3T R . 16.01 -11.80 10.28
NAW C3T R . 16.88 -12.92 10.64
C C3T R . 17.36 -13.00 11.85
O C3T R . 17.10 -12.20 12.74
CA C3T R . 18.25 -14.23 12.06
CB C3T R . 17.52 -15.33 12.82
CAA C3T R . 16.08 -15.46 12.41
N C3T R . 19.48 -13.85 12.80
CAB C3T R . 20.21 -12.74 12.13
ZN ZN S . -1.23 -6.35 29.09
CAC C3T T . 6.11 -2.00 39.41
CBI C3T T . 5.07 -1.32 38.46
CAD C3T T . 3.96 -0.63 39.28
CAE C3T T . 4.45 -2.45 37.60
CBB C3T T . 5.68 -0.37 37.57
CAM C3T T . 4.99 0.78 37.10
CAK C3T T . 5.60 1.66 36.21
CAL C3T T . 6.97 -0.58 37.12
CAJ C3T T . 7.57 0.31 36.24
CBA C3T T . 6.90 1.42 35.75
CAP C3T T . 7.56 2.27 34.89
NAV C3T T . 7.45 1.75 33.50
CAY C3T T . 8.28 2.09 32.47
OAG C3T T . 9.27 2.83 32.54
CBG C3T T . 7.90 1.53 31.23
NBH C3T T . 8.22 2.39 30.06
CAZ C3T T . 7.72 3.61 29.78
OAH C3T T . 6.94 4.11 30.58
CAT C3T T . 8.52 0.20 31.00
CAS C3T T . 9.66 0.56 30.08
CBE C3T T . 9.13 1.61 29.16
CAR C3T T . 10.27 2.42 28.51
CAQ C3T T . 10.41 3.86 29.17
CBD C3T T . 9.39 4.90 28.59
CAO C3T T . 9.35 6.18 29.37
OAI C3T T . 10.72 6.46 29.65
CBF C3T T . 7.99 4.29 28.58
NAW C3T T . 6.93 5.27 28.29
C C3T T . 6.67 5.72 27.04
O C3T T . 7.37 5.47 26.07
CA C3T T . 5.52 6.72 26.92
CB C3T T . 4.21 6.01 26.68
CAA C3T T . 3.51 5.78 28.03
N C3T T . 5.82 7.57 25.78
CAB C3T T . 6.70 8.66 26.24
ZN ZN U . -5.03 22.53 -48.07
CAC C3T V . -9.20 20.64 -61.11
CBI C3T V . -8.67 19.20 -61.18
CAD C3T V . -7.14 19.29 -61.02
CAE C3T V . -8.94 18.71 -62.62
CBB C3T V . -9.27 18.30 -60.16
CAM C3T V . -10.27 18.67 -59.22
CAK C3T V . -10.81 17.77 -58.29
CAL C3T V . -8.87 16.94 -60.07
CAJ C3T V . -9.40 16.02 -59.12
CBA C3T V . -10.37 16.44 -58.21
CAP C3T V . -10.91 15.56 -57.28
NAV C3T V . -9.88 14.94 -56.39
CAY C3T V . -10.19 13.98 -55.45
OAG C3T V . -11.31 13.51 -55.32
CBG C3T V . -9.14 13.54 -54.59
NBH C3T V . -9.44 12.35 -53.62
CAZ C3T V . -10.50 11.93 -52.85
OAH C3T V . -11.52 12.65 -52.81
CAT C3T V . -7.99 13.09 -55.43
CAS C3T V . -7.16 12.50 -54.31
CBE C3T V . -8.13 11.57 -53.60
CAR C3T V . -8.11 10.26 -54.33
CAQ C3T V . -9.50 9.70 -54.24
CBD C3T V . -9.81 9.42 -52.77
CAO C3T V . -10.57 8.09 -52.68
OAI C3T V . -11.94 8.45 -52.70
CBF C3T V . -10.45 10.72 -52.03
NAW C3T V . -11.70 10.41 -51.25
C C3T V . -11.66 9.55 -50.17
O C3T V . -10.67 8.86 -49.88
CA C3T V . -12.94 9.29 -49.37
CB C3T V . -13.67 10.57 -48.88
CAA C3T V . -12.73 11.75 -48.68
N C3T V . -12.53 8.33 -48.32
CAB C3T V . -13.54 7.26 -48.09
ZN ZN W . 10.80 -16.45 49.59
CAC C3T X . 14.11 -9.28 61.91
CBI C3T X . 13.33 -9.82 60.69
CAD C3T X . 12.24 -10.76 61.21
CAE C3T X . 14.30 -10.61 59.79
CBB C3T X . 12.78 -8.71 59.94
CAM C3T X . 11.40 -8.57 59.64
CAK C3T X . 10.93 -7.47 58.90
CAL C3T X . 13.67 -7.73 59.46
CAJ C3T X . 13.19 -6.64 58.74
CBA C3T X . 11.83 -6.50 58.44
CAP C3T X . 11.43 -5.39 57.73
NAV C3T X . 11.59 -5.67 56.29
CAY C3T X . 12.09 -4.75 55.43
OAG C3T X . 12.46 -3.62 55.78
CBG C3T X . 12.20 -5.14 54.09
NBH C3T X . 11.74 -4.11 53.10
CAZ C3T X . 10.52 -3.61 53.05
OAH C3T X . 9.75 -4.04 53.90
CAT C3T X . 13.64 -5.44 53.74
CAS C3T X . 13.99 -4.11 53.08
CBE C3T X . 12.87 -3.88 52.16
CAR C3T X . 12.92 -2.54 51.47
CAQ C3T X . 12.28 -1.45 52.34
CBD C3T X . 10.77 -1.33 51.98
CAO C3T X . 10.17 -0.29 52.89
OAI C3T X . 8.76 -0.52 52.84
CBF C3T X . 10.04 -2.74 52.04
NAW C3T X . 8.56 -2.68 52.07
C C3T X . 7.84 -2.29 50.98
O C3T X . 8.35 -1.91 49.94
CA C3T X . 6.30 -2.39 51.08
CB C3T X . 5.94 -3.74 50.51
CAA C3T X . 5.69 -4.62 51.72
N C3T X . 5.63 -1.38 50.27
CAB C3T X . 5.78 -0.03 50.88
#